data_4KAL
#
_entry.id   4KAL
#
_cell.length_a   51.181
_cell.length_b   81.219
_cell.length_c   82.950
_cell.angle_alpha   90.000
_cell.angle_beta   98.170
_cell.angle_gamma   90.000
#
_symmetry.space_group_name_H-M   'P 1 21 1'
#
loop_
_entity.id
_entity.type
_entity.pdbx_description
1 polymer 'Probable sugar kinase protein'
2 non-polymer ADENOSINE
3 non-polymer 'quinoline-3-carboxylic acid'
4 non-polymer 'DIMETHYL SULFOXIDE'
5 non-polymer 'POTASSIUM ION'
6 water water
#
_entity_poly.entity_id   1
_entity_poly.type   'polypeptide(L)'
_entity_poly.pdbx_seq_one_letter_code
;(MSE)HHHHHHSSGVDLGTENLYFQS(MSE)TRFDVLTVGNAIVDIISRCNDQFLIDNQITKAA(MSE)NLIDAERAELL
YSR(MSE)GPALEASGGSAGNTAAGVANLGGKAAYFGNVAADQLGDIFTHDIRAQGVHYQTKPKGAFPPTARS(MSE)IF
VTEDGERS(MSE)NTYLGACVELGPEDVEADVVADAKVTYFEGYLWDPPRAKEAILDCARIAHQHGRE(MSE)S(MSE)T
LSDSFCVDRYRGEFLDL(MSE)RSGKVDIVFANRQEALSLYQTDDFEEALNRIAADCKIAAVT(MSE)SENGAVILKGRE
RYYVNAIRIREVVDTTGAGDLFASGFLYGYTQGRSLEDCGKLGCLAAGIVIQQIGPRP(MSE)TSLSEAAKQAGLI
;
_entity_poly.pdbx_strand_id   A,B
#
# COMPACT_ATOMS: atom_id res chain seq x y z
N THR A 24 -16.17 -0.15 31.58
CA THR A 24 -14.74 0.06 31.37
C THR A 24 -14.54 0.81 30.06
N ARG A 25 -13.44 1.55 29.97
CA ARG A 25 -13.18 2.37 28.80
C ARG A 25 -12.75 1.54 27.60
N PHE A 26 -11.97 0.49 27.86
CA PHE A 26 -11.42 -0.35 26.81
C PHE A 26 -11.66 -1.83 27.02
N ASP A 27 -11.91 -2.55 25.92
CA ASP A 27 -11.98 -4.01 25.94
C ASP A 27 -10.57 -4.58 25.86
N VAL A 28 -9.78 -4.11 24.90
CA VAL A 28 -8.44 -4.65 24.67
C VAL A 28 -7.44 -3.51 24.48
N LEU A 29 -6.43 -3.48 25.34
CA LEU A 29 -5.23 -2.68 25.12
C LEU A 29 -4.18 -3.63 24.56
N THR A 30 -3.55 -3.24 23.46
CA THR A 30 -2.40 -4.01 22.96
C THR A 30 -1.12 -3.18 23.03
N VAL A 31 0.00 -3.87 23.16
CA VAL A 31 1.31 -3.22 23.27
C VAL A 31 2.28 -3.96 22.35
N GLY A 32 2.97 -3.21 21.50
CA GLY A 32 3.88 -3.84 20.57
C GLY A 32 4.83 -2.89 19.88
N ASN A 33 5.65 -3.46 19.01
CA ASN A 33 6.52 -2.70 18.13
C ASN A 33 5.75 -2.00 17.03
N ALA A 34 5.77 -0.68 17.03
CA ALA A 34 5.03 0.10 16.06
C ALA A 34 5.81 0.15 14.74
N ILE A 35 5.25 -0.49 13.70
CA ILE A 35 5.98 -0.75 12.46
C ILE A 35 5.12 -0.40 11.25
N VAL A 36 5.74 0.19 10.23
CA VAL A 36 5.13 0.30 8.91
C VAL A 36 5.70 -0.79 8.01
N ASP A 37 4.82 -1.53 7.34
CA ASP A 37 5.20 -2.61 6.45
C ASP A 37 5.48 -2.09 5.05
N ILE A 38 6.52 -2.64 4.43
CA ILE A 38 6.90 -2.40 3.04
C ILE A 38 6.82 -3.77 2.41
N ILE A 39 5.84 -3.96 1.52
CA ILE A 39 5.42 -5.30 1.07
C ILE A 39 5.66 -5.50 -0.42
N SER A 40 6.32 -6.60 -0.78
CA SER A 40 6.54 -6.94 -2.17
C SER A 40 6.44 -8.46 -2.33
N ARG A 41 6.23 -8.89 -3.57
CA ARG A 41 6.18 -10.29 -3.90
C ARG A 41 7.59 -10.71 -4.36
N CYS A 42 8.00 -11.95 -4.11
CA CYS A 42 9.29 -12.45 -4.63
C CYS A 42 9.16 -13.92 -4.99
N ASN A 43 10.11 -14.43 -5.78
CA ASN A 43 10.20 -15.85 -6.04
C ASN A 43 10.94 -16.57 -4.91
N ASP A 44 10.90 -17.90 -4.93
CA ASP A 44 11.48 -18.72 -3.87
C ASP A 44 12.98 -18.50 -3.72
N GLN A 45 13.67 -18.38 -4.85
CA GLN A 45 15.11 -18.23 -4.89
C GLN A 45 15.60 -16.94 -4.26
N PHE A 46 14.76 -15.90 -4.29
CA PHE A 46 15.11 -14.62 -3.68
C PHE A 46 15.44 -14.77 -2.18
N LEU A 47 14.63 -15.56 -1.47
CA LEU A 47 14.83 -15.79 -0.04
C LEU A 47 16.16 -16.48 0.22
N ILE A 48 16.45 -17.48 -0.61
CA ILE A 48 17.68 -18.25 -0.51
C ILE A 48 18.90 -17.38 -0.84
N ASP A 49 18.83 -16.65 -1.94
CA ASP A 49 19.94 -15.79 -2.37
C ASP A 49 20.27 -14.72 -1.35
N ASN A 50 19.26 -14.27 -0.61
CA ASN A 50 19.41 -13.19 0.37
C ASN A 50 19.46 -13.66 1.81
N GLN A 51 19.52 -14.98 2.00
CA GLN A 51 19.63 -15.58 3.33
C GLN A 51 18.55 -15.05 4.29
N ILE A 52 17.33 -14.94 3.77
CA ILE A 52 16.15 -14.56 4.55
C ILE A 52 15.50 -15.85 4.99
N THR A 53 15.27 -15.99 6.30
CA THR A 53 14.62 -17.18 6.83
C THR A 53 13.13 -17.11 6.50
N LYS A 54 12.67 -18.07 5.71
CA LYS A 54 11.30 -18.06 5.22
C LYS A 54 10.31 -18.19 6.38
N ALA A 55 9.23 -17.40 6.32
CA ALA A 55 8.11 -17.46 7.27
C ALA A 55 8.42 -16.87 8.65
N ALA A 56 9.62 -16.32 8.81
CA ALA A 56 10.08 -15.83 10.09
C ALA A 56 10.22 -14.31 10.13
N ASN A 58 12.85 -11.70 10.76
CA ASN A 58 14.30 -11.57 10.72
C ASN A 58 14.67 -10.14 11.13
N LEU A 59 15.34 -9.99 12.26
CA LEU A 59 15.84 -8.66 12.68
C LEU A 59 17.03 -8.24 11.83
N ILE A 60 17.05 -6.97 11.45
CA ILE A 60 18.10 -6.42 10.59
C ILE A 60 18.53 -5.05 11.09
N ASP A 61 19.81 -4.72 10.83
CA ASP A 61 20.30 -3.38 11.16
C ASP A 61 20.10 -2.45 9.97
N ALA A 62 20.52 -1.20 10.14
CA ALA A 62 20.29 -0.13 9.17
C ALA A 62 20.95 -0.43 7.83
N GLU A 63 22.20 -0.93 7.89
CA GLU A 63 22.96 -1.30 6.71
C GLU A 63 22.26 -2.41 5.94
N ARG A 64 21.82 -3.45 6.64
CA ARG A 64 21.11 -4.57 6.01
C ARG A 64 19.76 -4.11 5.44
N ALA A 65 19.08 -3.22 6.13
CA ALA A 65 17.83 -2.65 5.61
C ALA A 65 18.04 -1.96 4.25
N GLU A 66 19.09 -1.14 4.15
CA GLU A 66 19.42 -0.46 2.90
C GLU A 66 19.73 -1.48 1.79
N LEU A 67 20.50 -2.51 2.14
CA LEU A 67 20.87 -3.53 1.17
C LEU A 67 19.64 -4.30 0.66
N LEU A 68 18.82 -4.81 1.57
CA LEU A 68 17.63 -5.57 1.14
C LEU A 68 16.67 -4.68 0.33
N TYR A 69 16.49 -3.44 0.77
CA TYR A 69 15.60 -2.55 0.05
C TYR A 69 16.11 -2.33 -1.38
N SER A 70 17.42 -2.24 -1.56
CA SER A 70 17.99 -2.05 -2.89
C SER A 70 17.67 -3.22 -3.84
N ARG A 71 17.42 -4.40 -3.28
CA ARG A 71 17.12 -5.61 -4.06
C ARG A 71 15.62 -5.89 -4.18
N GLY A 73 11.69 -5.43 -5.04
CA GLY A 73 10.92 -4.90 -6.13
C GLY A 73 10.05 -3.71 -5.72
N PRO A 74 9.26 -3.18 -6.66
CA PRO A 74 8.28 -2.14 -6.32
C PRO A 74 7.39 -2.66 -5.17
N ALA A 75 7.11 -1.81 -4.20
CA ALA A 75 6.42 -2.23 -2.98
C ALA A 75 5.17 -1.41 -2.73
N LEU A 76 4.37 -1.84 -1.76
CA LEU A 76 3.32 -1.00 -1.23
C LEU A 76 3.53 -0.89 0.28
N GLU A 77 3.09 0.22 0.86
CA GLU A 77 3.26 0.41 2.30
C GLU A 77 1.92 0.34 3.01
N ALA A 78 1.95 -0.27 4.19
CA ALA A 78 0.76 -0.37 5.03
C ALA A 78 1.20 -0.42 6.48
N SER A 79 0.46 0.28 7.34
CA SER A 79 0.74 0.20 8.78
C SER A 79 0.63 -1.23 9.25
N GLY A 80 1.62 -1.64 10.03
CA GLY A 80 1.73 -3.02 10.54
C GLY A 80 1.94 -3.06 12.05
N GLY A 81 2.87 -3.91 12.50
CA GLY A 81 3.04 -4.16 13.93
C GLY A 81 2.02 -5.17 14.38
N SER A 82 2.51 -6.31 14.90
CA SER A 82 1.61 -7.39 15.24
CA SER A 82 1.62 -7.41 15.28
C SER A 82 0.49 -6.95 16.18
N ALA A 83 0.85 -6.35 17.31
CA ALA A 83 -0.15 -5.83 18.27
C ALA A 83 -0.99 -4.70 17.69
N GLY A 84 -0.39 -3.87 16.84
CA GLY A 84 -1.12 -2.80 16.14
C GLY A 84 -2.25 -3.38 15.33
N ASN A 85 -1.93 -4.40 14.53
CA ASN A 85 -2.88 -5.13 13.72
C ASN A 85 -3.99 -5.71 14.59
N THR A 86 -3.60 -6.32 15.71
CA THR A 86 -4.58 -6.89 16.64
C THR A 86 -5.54 -5.83 17.18
N ALA A 87 -5.02 -4.71 17.64
CA ALA A 87 -5.87 -3.61 18.12
C ALA A 87 -6.84 -3.15 17.02
N ALA A 88 -6.30 -2.93 15.81
CA ALA A 88 -7.11 -2.48 14.69
C ALA A 88 -8.24 -3.48 14.40
N GLY A 89 -7.94 -4.77 14.50
CA GLY A 89 -8.91 -5.83 14.27
C GLY A 89 -10.03 -5.86 15.30
N VAL A 90 -9.69 -5.66 16.58
CA VAL A 90 -10.69 -5.51 17.64
C VAL A 90 -11.62 -4.33 17.35
N ALA A 91 -11.04 -3.18 17.00
CA ALA A 91 -11.84 -1.98 16.67
C ALA A 91 -12.74 -2.24 15.46
N ASN A 92 -12.21 -2.92 14.45
CA ASN A 92 -12.97 -3.31 13.25
C ASN A 92 -14.21 -4.11 13.62
N LEU A 93 -14.04 -5.09 14.50
CA LEU A 93 -15.16 -5.94 14.96
C LEU A 93 -16.19 -5.21 15.83
N GLY A 94 -15.81 -4.06 16.37
CA GLY A 94 -16.73 -3.23 17.15
C GLY A 94 -16.38 -3.12 18.61
N GLY A 95 -15.25 -3.70 19.00
CA GLY A 95 -14.74 -3.60 20.37
C GLY A 95 -14.01 -2.29 20.57
N LYS A 96 -13.70 -1.98 21.82
CA LYS A 96 -13.01 -0.73 22.12
C LYS A 96 -11.56 -1.05 22.40
N ALA A 97 -10.67 -0.50 21.57
CA ALA A 97 -9.25 -0.84 21.63
C ALA A 97 -8.34 0.35 21.90
N ALA A 98 -7.20 0.07 22.51
CA ALA A 98 -6.14 1.05 22.73
C ALA A 98 -4.80 0.39 22.36
N TYR A 99 -3.78 1.21 22.08
CA TYR A 99 -2.47 0.70 21.69
C TYR A 99 -1.35 1.52 22.27
N PHE A 100 -0.31 0.84 22.75
CA PHE A 100 0.95 1.50 23.11
C PHE A 100 2.01 1.02 22.14
N GLY A 101 2.73 1.95 21.53
CA GLY A 101 3.83 1.57 20.66
C GLY A 101 4.50 2.85 20.22
N ASN A 102 5.81 2.82 20.06
CA ASN A 102 6.56 4.05 19.82
C ASN A 102 7.04 4.23 18.38
N VAL A 103 6.61 5.33 17.75
CA VAL A 103 7.11 5.76 16.45
C VAL A 103 8.00 6.97 16.58
N ALA A 104 8.63 7.37 15.46
CA ALA A 104 9.37 8.63 15.40
C ALA A 104 8.48 9.74 14.86
N ALA A 105 8.94 10.97 15.04
CA ALA A 105 8.31 12.18 14.49
C ALA A 105 8.75 12.33 13.03
N ASP A 106 8.30 11.41 12.18
CA ASP A 106 8.63 11.43 10.77
C ASP A 106 7.41 11.00 9.94
N GLN A 107 7.57 10.94 8.64
CA GLN A 107 6.44 10.65 7.75
C GLN A 107 5.88 9.26 7.99
N LEU A 108 6.77 8.28 8.18
CA LEU A 108 6.32 6.91 8.46
C LEU A 108 5.57 6.86 9.79
N GLY A 109 6.05 7.60 10.79
CA GLY A 109 5.36 7.65 12.06
C GLY A 109 4.01 8.32 11.95
N ASP A 110 3.89 9.33 11.08
CA ASP A 110 2.62 10.02 10.88
C ASP A 110 1.61 9.10 10.21
N ILE A 111 2.10 8.27 9.28
CA ILE A 111 1.26 7.25 8.62
C ILE A 111 0.76 6.25 9.65
N PHE A 112 1.66 5.70 10.45
CA PHE A 112 1.28 4.75 11.48
C PHE A 112 0.23 5.37 12.40
N THR A 113 0.49 6.58 12.87
CA THR A 113 -0.40 7.25 13.81
C THR A 113 -1.78 7.45 13.21
N HIS A 114 -1.83 7.95 11.99
CA HIS A 114 -3.08 8.11 11.28
C HIS A 114 -3.88 6.81 11.17
N ASP A 115 -3.25 5.74 10.71
CA ASP A 115 -4.00 4.52 10.36
C ASP A 115 -4.63 3.88 11.57
N ILE A 116 -3.90 3.83 12.68
CA ILE A 116 -4.42 3.18 13.87
C ILE A 116 -5.53 4.01 14.51
N ARG A 117 -5.33 5.33 14.61
CA ARG A 117 -6.35 6.22 15.13
C ARG A 117 -7.59 6.27 14.22
N ALA A 118 -7.39 6.21 12.90
CA ALA A 118 -8.50 6.28 11.94
C ALA A 118 -9.39 5.03 12.03
N GLN A 119 -8.83 3.95 12.56
CA GLN A 119 -9.60 2.75 12.83
C GLN A 119 -10.41 2.86 14.13
N GLY A 120 -10.19 3.93 14.89
CA GLY A 120 -10.91 4.15 16.15
C GLY A 120 -10.21 3.54 17.36
N VAL A 121 -8.91 3.28 17.23
CA VAL A 121 -8.09 2.82 18.33
C VAL A 121 -7.49 4.03 19.06
N HIS A 122 -7.58 4.03 20.39
CA HIS A 122 -6.91 5.03 21.20
C HIS A 122 -5.40 4.83 21.04
N TYR A 123 -4.71 5.85 20.53
CA TYR A 123 -3.26 5.78 20.40
C TYR A 123 -2.65 7.13 20.72
N GLN A 124 -1.92 7.18 21.84
CA GLN A 124 -1.40 8.43 22.37
C GLN A 124 0.08 8.40 22.77
N THR A 125 0.79 7.31 22.40
CA THR A 125 2.23 7.22 22.64
C THR A 125 2.94 8.33 21.86
N LYS A 126 3.66 9.17 22.60
CA LYS A 126 4.32 10.34 22.03
C LYS A 126 5.70 9.98 21.48
N PRO A 127 5.99 10.38 20.23
CA PRO A 127 7.32 10.25 19.66
C PRO A 127 8.36 11.03 20.45
N LYS A 128 9.59 10.53 20.49
CA LYS A 128 10.68 11.15 21.26
C LYS A 128 11.66 11.97 20.41
N GLY A 129 11.27 12.26 19.18
CA GLY A 129 12.14 12.89 18.20
C GLY A 129 12.04 12.16 16.87
N ALA A 130 12.83 12.60 15.89
CA ALA A 130 12.82 12.00 14.56
C ALA A 130 13.79 10.84 14.41
N PHE A 131 14.72 10.70 15.36
CA PHE A 131 15.76 9.67 15.28
C PHE A 131 15.93 8.93 16.61
N PRO A 132 16.01 7.58 16.57
CA PRO A 132 15.95 6.71 15.37
C PRO A 132 14.61 6.82 14.66
N PRO A 133 14.59 6.56 13.33
CA PRO A 133 13.34 6.73 12.57
C PRO A 133 12.35 5.62 12.87
N THR A 134 11.12 5.80 12.41
CA THR A 134 10.06 4.83 12.66
C THR A 134 10.45 3.46 12.11
N ALA A 135 10.16 2.42 12.89
CA ALA A 135 10.42 1.05 12.47
C ALA A 135 9.73 0.71 11.16
N ARG A 136 10.39 -0.11 10.36
CA ARG A 136 9.79 -0.64 9.14
C ARG A 136 10.17 -2.11 8.96
N SER A 137 9.29 -2.85 8.30
CA SER A 137 9.53 -4.26 8.01
C SER A 137 9.32 -4.52 6.55
N ILE A 139 8.55 -7.00 3.97
CA ILE A 139 7.86 -8.29 3.97
C ILE A 139 7.80 -8.80 2.55
N PHE A 140 8.37 -9.98 2.35
CA PHE A 140 8.42 -10.62 1.05
C PHE A 140 7.40 -11.76 1.06
N VAL A 141 6.46 -11.68 0.12
CA VAL A 141 5.40 -12.67 0.00
C VAL A 141 5.71 -13.59 -1.18
N THR A 142 5.83 -14.88 -0.90
CA THR A 142 6.15 -15.87 -1.94
C THR A 142 4.86 -16.37 -2.61
N GLU A 143 4.99 -17.14 -3.69
CA GLU A 143 3.84 -17.59 -4.49
C GLU A 143 2.82 -18.41 -3.70
N ASP A 144 3.31 -19.11 -2.68
CA ASP A 144 2.47 -19.87 -1.76
C ASP A 144 1.73 -19.01 -0.72
N GLY A 145 1.99 -17.70 -0.74
CA GLY A 145 1.34 -16.76 0.19
C GLY A 145 2.03 -16.60 1.54
N GLU A 146 3.10 -17.36 1.77
CA GLU A 146 3.89 -17.20 2.98
C GLU A 146 4.58 -15.85 2.98
N ARG A 147 4.74 -15.31 4.17
CA ARG A 147 5.43 -14.02 4.38
CA ARG A 147 5.42 -14.02 4.38
C ARG A 147 6.72 -14.10 5.25
N SER A 148 7.74 -13.42 4.73
CA SER A 148 9.02 -13.46 5.39
C SER A 148 9.41 -12.03 5.67
N ASN A 150 11.46 -8.72 7.46
CA ASN A 150 12.81 -8.24 7.73
C ASN A 150 12.73 -6.86 8.37
N THR A 151 12.94 -6.84 9.68
CA THR A 151 12.49 -5.72 10.49
C THR A 151 13.63 -4.91 11.11
N TYR A 152 13.64 -3.62 10.78
CA TYR A 152 14.53 -2.68 11.43
C TYR A 152 13.71 -1.97 12.51
N LEU A 153 14.09 -2.19 13.77
CA LEU A 153 13.29 -1.72 14.89
C LEU A 153 13.27 -0.20 15.09
N GLY A 154 14.30 0.51 14.65
CA GLY A 154 14.31 1.98 14.75
C GLY A 154 13.78 2.50 16.08
N ALA A 155 12.81 3.42 16.02
CA ALA A 155 12.26 4.06 17.21
C ALA A 155 11.60 3.10 18.22
N CYS A 156 11.32 1.86 17.81
CA CYS A 156 10.80 0.86 18.77
C CYS A 156 11.74 0.59 19.97
N VAL A 157 13.03 0.85 19.80
CA VAL A 157 13.99 0.60 20.89
C VAL A 157 13.78 1.57 22.06
N GLU A 158 13.00 2.62 21.84
CA GLU A 158 12.78 3.65 22.84
C GLU A 158 11.50 3.49 23.69
N LEU A 159 10.66 2.50 23.34
CA LEU A 159 9.47 2.18 24.14
C LEU A 159 9.89 1.74 25.53
N GLY A 160 9.35 2.38 26.55
CA GLY A 160 9.74 2.10 27.93
C GLY A 160 8.62 2.36 28.93
N PRO A 161 8.91 2.18 30.24
CA PRO A 161 7.88 2.40 31.26
C PRO A 161 7.23 3.78 31.22
N GLU A 162 7.94 4.78 30.67
CA GLU A 162 7.42 6.15 30.52
C GLU A 162 6.18 6.20 29.60
N ASP A 163 6.04 5.18 28.77
CA ASP A 163 4.98 5.12 27.77
C ASP A 163 3.74 4.36 28.26
N VAL A 164 3.76 3.91 29.50
CA VAL A 164 2.60 3.23 30.07
C VAL A 164 1.58 4.26 30.55
N GLU A 165 0.43 4.31 29.88
CA GLU A 165 -0.67 5.15 30.33
C GLU A 165 -1.42 4.30 31.34
N ALA A 166 -1.07 4.47 32.61
CA ALA A 166 -1.58 3.62 33.68
C ALA A 166 -3.11 3.60 33.76
N ASP A 167 -3.74 4.75 33.50
CA ASP A 167 -5.21 4.83 33.48
C ASP A 167 -5.84 3.93 32.41
N VAL A 168 -5.17 3.83 31.26
CA VAL A 168 -5.64 2.98 30.16
C VAL A 168 -5.52 1.50 30.53
N VAL A 169 -4.38 1.12 31.10
CA VAL A 169 -4.19 -0.27 31.56
C VAL A 169 -5.23 -0.61 32.64
N ALA A 170 -5.43 0.30 33.60
CA ALA A 170 -6.40 0.09 34.68
C ALA A 170 -7.82 -0.11 34.15
N ASP A 171 -8.14 0.58 33.04
CA ASP A 171 -9.49 0.61 32.48
C ASP A 171 -9.70 -0.32 31.27
N ALA A 172 -8.74 -1.22 31.04
CA ALA A 172 -8.87 -2.19 29.95
C ALA A 172 -9.10 -3.60 30.47
N LYS A 173 -10.11 -4.27 29.92
CA LYS A 173 -10.46 -5.63 30.33
C LYS A 173 -9.30 -6.60 30.13
N VAL A 174 -8.64 -6.50 28.98
CA VAL A 174 -7.47 -7.34 28.69
C VAL A 174 -6.36 -6.44 28.17
N THR A 175 -5.15 -6.66 28.66
CA THR A 175 -3.94 -6.08 28.06
C THR A 175 -3.15 -7.20 27.42
N TYR A 176 -2.87 -7.04 26.13
CA TYR A 176 -2.24 -8.03 25.28
C TYR A 176 -0.94 -7.48 24.72
N PHE A 177 0.10 -8.30 24.74
CA PHE A 177 1.41 -7.84 24.27
C PHE A 177 2.16 -8.89 23.46
N GLU A 178 3.11 -8.42 22.66
CA GLU A 178 3.92 -9.28 21.80
C GLU A 178 5.15 -9.83 22.51
N GLY A 179 5.42 -11.11 22.31
CA GLY A 179 6.73 -11.69 22.62
C GLY A 179 7.84 -10.90 21.93
N TYR A 180 7.53 -10.35 20.76
CA TYR A 180 8.48 -9.51 20.00
C TYR A 180 9.05 -8.35 20.83
N LEU A 181 8.32 -7.93 21.86
CA LEU A 181 8.80 -6.84 22.72
C LEU A 181 10.06 -7.16 23.52
N TRP A 182 10.45 -8.43 23.57
CA TRP A 182 11.64 -8.83 24.31
C TRP A 182 12.94 -8.49 23.55
N ASP A 183 12.83 -8.17 22.28
CA ASP A 183 14.00 -7.74 21.49
C ASP A 183 14.51 -6.33 21.82
N PRO A 184 13.63 -5.29 21.74
CA PRO A 184 14.07 -3.97 22.21
C PRO A 184 14.42 -4.02 23.70
N PRO A 185 15.28 -3.09 24.15
CA PRO A 185 15.88 -3.25 25.48
C PRO A 185 14.97 -2.99 26.68
N ARG A 186 14.09 -1.99 26.59
CA ARG A 186 13.35 -1.53 27.76
CA ARG A 186 13.35 -1.53 27.76
C ARG A 186 11.85 -1.84 27.73
N ALA A 187 11.35 -2.37 26.63
CA ALA A 187 9.91 -2.61 26.53
C ALA A 187 9.37 -3.58 27.58
N LYS A 188 10.17 -4.58 27.93
CA LYS A 188 9.78 -5.57 28.95
C LYS A 188 9.46 -4.91 30.30
N GLU A 189 10.16 -3.83 30.65
CA GLU A 189 9.88 -3.10 31.89
C GLU A 189 8.49 -2.48 31.83
N ALA A 190 8.11 -1.93 30.68
CA ALA A 190 6.75 -1.41 30.49
C ALA A 190 5.72 -2.52 30.64
N ILE A 191 6.03 -3.70 30.09
CA ILE A 191 5.11 -4.84 30.22
C ILE A 191 4.94 -5.31 31.66
N LEU A 192 6.03 -5.35 32.42
CA LEU A 192 5.94 -5.70 33.84
C LEU A 192 5.07 -4.70 34.62
N ASP A 193 5.17 -3.42 34.27
CA ASP A 193 4.32 -2.39 34.87
C ASP A 193 2.85 -2.59 34.49
N CYS A 194 2.60 -2.91 33.23
CA CYS A 194 1.25 -3.24 32.76
C CYS A 194 0.65 -4.41 33.52
N ALA A 195 1.42 -5.48 33.71
CA ALA A 195 0.94 -6.67 34.42
C ALA A 195 0.55 -6.34 35.85
N ARG A 196 1.38 -5.54 36.53
CA ARG A 196 1.09 -5.08 37.88
C ARG A 196 -0.22 -4.29 37.93
N ILE A 197 -0.35 -3.30 37.04
CA ILE A 197 -1.50 -2.40 37.06
C ILE A 197 -2.76 -3.19 36.69
N ALA A 198 -2.66 -4.00 35.64
CA ALA A 198 -3.79 -4.81 35.17
C ALA A 198 -4.32 -5.71 36.26
N HIS A 199 -3.43 -6.45 36.90
CA HIS A 199 -3.85 -7.38 37.95
C HIS A 199 -4.33 -6.70 39.23
N GLN A 200 -3.78 -5.53 39.55
CA GLN A 200 -4.29 -4.74 40.70
C GLN A 200 -5.74 -4.29 40.48
N HIS A 201 -6.09 -4.06 39.22
CA HIS A 201 -7.44 -3.62 38.87
C HIS A 201 -8.34 -4.78 38.42
N GLY A 202 -7.93 -6.01 38.67
CA GLY A 202 -8.72 -7.21 38.36
C GLY A 202 -8.87 -7.54 36.89
N ARG A 203 -7.96 -7.01 36.07
CA ARG A 203 -8.00 -7.23 34.63
C ARG A 203 -7.16 -8.46 34.27
N GLU A 204 -7.18 -8.84 33.00
CA GLU A 204 -6.40 -9.97 32.53
C GLU A 204 -5.29 -9.58 31.56
N SER A 206 -2.48 -10.83 28.57
CA SER A 206 -2.35 -11.80 27.49
C SER A 206 -1.10 -11.56 26.69
N THR A 208 1.20 -13.02 23.00
CA THR A 208 1.45 -13.91 21.89
C THR A 208 2.93 -14.27 21.86
N LEU A 209 3.20 -15.53 21.52
CA LEU A 209 4.58 -16.00 21.42
C LEU A 209 5.30 -15.43 20.18
N SER A 210 4.52 -14.84 19.26
CA SER A 210 5.01 -14.03 18.14
C SER A 210 5.69 -14.74 16.99
N ASP A 211 6.75 -15.50 17.30
CA ASP A 211 7.59 -16.08 16.26
C ASP A 211 8.47 -17.15 16.89
N SER A 212 8.70 -18.26 16.19
CA SER A 212 9.41 -19.41 16.77
C SER A 212 10.85 -19.11 17.15
N PHE A 213 11.51 -18.26 16.36
CA PHE A 213 12.86 -17.81 16.71
C PHE A 213 12.86 -16.83 17.87
N CYS A 214 11.83 -15.97 17.94
CA CYS A 214 11.63 -15.12 19.12
C CYS A 214 11.47 -15.97 20.39
N VAL A 215 10.65 -17.02 20.31
CA VAL A 215 10.52 -18.00 21.39
C VAL A 215 11.89 -18.58 21.77
N ASP A 216 12.70 -18.94 20.77
CA ASP A 216 14.01 -19.52 21.03
C ASP A 216 14.91 -18.55 21.77
N ARG A 217 14.80 -17.26 21.43
CA ARG A 217 15.58 -16.24 22.12
C ARG A 217 15.18 -16.00 23.58
N TYR A 218 13.89 -16.16 23.89
CA TYR A 218 13.35 -15.77 25.20
C TYR A 218 12.55 -16.88 25.88
N ARG A 219 12.89 -18.13 25.56
CA ARG A 219 12.17 -19.29 26.03
C ARG A 219 11.93 -19.27 27.55
N GLY A 220 13.00 -19.14 28.32
CA GLY A 220 12.91 -19.14 29.79
C GLY A 220 12.08 -17.97 30.31
N GLU A 221 12.28 -16.80 29.71
CA GLU A 221 11.56 -15.61 30.12
C GLU A 221 10.06 -15.74 29.85
N PHE A 222 9.69 -16.30 28.70
CA PHE A 222 8.29 -16.49 28.36
C PHE A 222 7.60 -17.49 29.29
N LEU A 223 8.25 -18.63 29.53
CA LEU A 223 7.74 -19.64 30.47
C LEU A 223 7.51 -19.05 31.85
N ASP A 224 8.44 -18.21 32.29
CA ASP A 224 8.33 -17.54 33.58
C ASP A 224 7.15 -16.56 33.64
N LEU A 225 6.94 -15.81 32.56
CA LEU A 225 5.78 -14.91 32.50
C LEU A 225 4.47 -15.68 32.76
N ARG A 227 4.16 -18.95 34.13
CA ARG A 227 4.17 -19.69 35.40
C ARG A 227 4.03 -18.81 36.63
N SER A 228 4.53 -17.58 36.55
CA SER A 228 4.43 -16.61 37.64
C SER A 228 3.07 -15.92 37.66
N GLY A 229 2.27 -16.17 36.62
CA GLY A 229 0.92 -15.61 36.54
C GLY A 229 0.84 -14.20 35.98
N LYS A 230 1.94 -13.71 35.41
CA LYS A 230 1.95 -12.37 34.81
C LYS A 230 1.14 -12.35 33.52
N VAL A 231 1.04 -13.51 32.90
CA VAL A 231 0.23 -13.72 31.71
C VAL A 231 -0.85 -14.76 32.00
N ASP A 232 -2.09 -14.41 31.66
CA ASP A 232 -3.26 -15.28 31.89
C ASP A 232 -3.71 -16.04 30.65
N ILE A 233 -3.54 -15.43 29.47
CA ILE A 233 -4.02 -16.01 28.21
C ILE A 233 -2.88 -15.95 27.21
N VAL A 234 -2.49 -17.10 26.66
CA VAL A 234 -1.37 -17.18 25.71
CA VAL A 234 -1.38 -17.17 25.71
C VAL A 234 -1.82 -17.60 24.31
N PHE A 235 -1.31 -16.91 23.29
CA PHE A 235 -1.56 -17.26 21.91
C PHE A 235 -0.29 -17.82 21.32
N ALA A 236 -0.44 -18.91 20.58
CA ALA A 236 0.68 -19.58 19.93
C ALA A 236 0.21 -20.18 18.62
N ASN A 237 1.12 -20.34 17.66
CA ASN A 237 0.86 -21.26 16.56
C ASN A 237 1.62 -22.57 16.80
N ARG A 238 1.43 -23.53 15.91
CA ARG A 238 2.11 -24.83 16.05
C ARG A 238 3.62 -24.68 16.22
N GLN A 239 4.22 -23.89 15.33
CA GLN A 239 5.68 -23.73 15.30
C GLN A 239 6.20 -23.12 16.60
N GLU A 240 5.46 -22.15 17.13
CA GLU A 240 5.83 -21.48 18.37
C GLU A 240 5.71 -22.39 19.59
N ALA A 241 4.66 -23.21 19.60
CA ALA A 241 4.43 -24.15 20.69
C ALA A 241 5.52 -25.22 20.70
N LEU A 242 5.90 -25.69 19.52
CA LEU A 242 6.97 -26.69 19.40
C LEU A 242 8.33 -26.12 19.82
N SER A 243 8.57 -24.87 19.47
N SER A 243 8.57 -24.86 19.50
CA SER A 243 9.80 -24.17 19.87
CA SER A 243 9.82 -24.21 19.89
C SER A 243 9.85 -23.96 21.37
C SER A 243 9.86 -23.96 21.39
N LEU A 244 8.72 -23.57 21.97
CA LEU A 244 8.64 -23.29 23.41
C LEU A 244 9.09 -24.46 24.27
N TYR A 245 8.68 -25.66 23.88
CA TYR A 245 9.02 -26.85 24.64
C TYR A 245 10.10 -27.70 23.97
N GLN A 246 10.71 -27.16 22.90
CA GLN A 246 11.83 -27.80 22.19
C GLN A 246 11.53 -29.25 21.86
N THR A 247 10.37 -29.46 21.25
CA THR A 247 9.86 -30.78 20.98
C THR A 247 9.36 -30.90 19.54
N ASP A 248 9.34 -32.14 19.04
CA ASP A 248 8.67 -32.44 17.76
C ASP A 248 7.29 -33.06 17.98
N ASP A 249 6.85 -33.12 19.24
CA ASP A 249 5.59 -33.75 19.61
C ASP A 249 4.54 -32.69 19.95
N PHE A 250 3.61 -32.48 19.03
CA PHE A 250 2.58 -31.44 19.20
C PHE A 250 1.63 -31.69 20.36
N GLU A 251 1.29 -32.95 20.60
CA GLU A 251 0.44 -33.28 21.75
C GLU A 251 1.11 -32.95 23.07
N GLU A 252 2.42 -33.21 23.17
CA GLU A 252 3.22 -32.80 24.32
C GLU A 252 3.18 -31.28 24.51
N ALA A 253 3.41 -30.54 23.43
CA ALA A 253 3.34 -29.09 23.49
C ALA A 253 1.99 -28.59 24.00
N LEU A 254 0.89 -29.18 23.53
CA LEU A 254 -0.46 -28.80 24.01
C LEU A 254 -0.65 -29.10 25.49
N ASN A 255 -0.24 -30.28 25.93
CA ASN A 255 -0.35 -30.63 27.33
C ASN A 255 0.49 -29.70 28.21
N ARG A 256 1.70 -29.39 27.75
CA ARG A 256 2.59 -28.53 28.52
C ARG A 256 2.11 -27.08 28.57
N ILE A 257 1.64 -26.55 27.44
CA ILE A 257 1.12 -25.19 27.43
C ILE A 257 -0.12 -25.03 28.31
N ALA A 258 -0.99 -26.03 28.32
CA ALA A 258 -2.18 -26.01 29.18
C ALA A 258 -1.81 -26.03 30.68
N ALA A 259 -0.65 -26.62 30.99
CA ALA A 259 -0.15 -26.67 32.37
C ALA A 259 0.48 -25.36 32.81
N ASP A 260 0.94 -24.57 31.83
CA ASP A 260 1.70 -23.35 32.10
C ASP A 260 0.90 -22.04 32.14
N CYS A 261 -0.28 -22.02 31.51
CA CYS A 261 -1.10 -20.81 31.48
CA CYS A 261 -1.11 -20.82 31.42
C CYS A 261 -2.58 -21.15 31.66
N LYS A 262 -3.34 -20.20 32.19
CA LYS A 262 -4.77 -20.40 32.48
C LYS A 262 -5.56 -20.73 31.22
N ILE A 263 -5.35 -19.93 30.17
CA ILE A 263 -5.95 -20.21 28.88
C ILE A 263 -4.88 -20.11 27.80
N ALA A 264 -4.88 -21.08 26.88
CA ALA A 264 -4.03 -21.06 25.70
C ALA A 264 -4.85 -21.19 24.43
N ALA A 265 -4.55 -20.35 23.46
CA ALA A 265 -5.19 -20.42 22.15
C ALA A 265 -4.10 -20.79 21.16
N VAL A 266 -4.21 -21.97 20.56
CA VAL A 266 -3.16 -22.47 19.67
C VAL A 266 -3.68 -22.63 18.26
N THR A 267 -3.08 -21.89 17.33
CA THR A 267 -3.53 -21.92 15.94
C THR A 267 -2.73 -22.96 15.15
N SER A 269 -2.91 -23.12 11.41
CA SER A 269 -3.06 -22.74 10.00
C SER A 269 -4.38 -23.28 9.41
N GLU A 270 -4.28 -24.06 8.34
CA GLU A 270 -5.47 -24.59 7.65
C GLU A 270 -6.23 -25.62 8.48
N ASN A 271 -5.63 -26.06 9.59
CA ASN A 271 -6.27 -26.98 10.51
C ASN A 271 -7.02 -26.29 11.65
N GLY A 272 -7.15 -24.98 11.56
CA GLY A 272 -7.97 -24.22 12.50
C GLY A 272 -7.22 -23.86 13.76
N ALA A 273 -7.84 -24.13 14.90
CA ALA A 273 -7.25 -23.79 16.20
C ALA A 273 -7.77 -24.71 17.31
N VAL A 274 -7.06 -24.73 18.42
CA VAL A 274 -7.53 -25.41 19.63
C VAL A 274 -7.38 -24.47 20.82
N ILE A 275 -8.45 -24.36 21.61
CA ILE A 275 -8.45 -23.52 22.80
C ILE A 275 -8.39 -24.43 24.03
N LEU A 276 -7.42 -24.15 24.90
CA LEU A 276 -7.16 -24.97 26.06
C LEU A 276 -7.41 -24.20 27.35
N LYS A 277 -8.11 -24.82 28.29
CA LYS A 277 -8.31 -24.25 29.62
C LYS A 277 -8.35 -25.39 30.64
N GLY A 278 -7.25 -25.57 31.37
CA GLY A 278 -7.13 -26.69 32.29
C GLY A 278 -7.14 -27.97 31.48
N ARG A 279 -8.16 -28.79 31.68
CA ARG A 279 -8.34 -30.02 30.89
C ARG A 279 -9.33 -29.85 29.74
N GLU A 280 -9.97 -28.69 29.66
CA GLU A 280 -10.91 -28.39 28.58
C GLU A 280 -10.14 -28.17 27.29
N ARG A 281 -10.65 -28.74 26.20
CA ARG A 281 -10.11 -28.52 24.86
C ARG A 281 -11.24 -28.22 23.91
N TYR A 282 -11.12 -27.13 23.16
CA TYR A 282 -12.14 -26.74 22.18
C TYR A 282 -11.51 -26.59 20.80
N TYR A 283 -11.88 -27.51 19.91
CA TYR A 283 -11.36 -27.50 18.53
C TYR A 283 -12.25 -26.65 17.64
N VAL A 284 -11.63 -25.84 16.81
CA VAL A 284 -12.34 -24.95 15.88
C VAL A 284 -11.72 -25.05 14.48
N ASN A 285 -12.59 -25.14 13.47
CA ASN A 285 -12.14 -25.27 12.09
C ASN A 285 -11.75 -23.93 11.45
N ALA A 286 -10.81 -24.00 10.52
CA ALA A 286 -10.50 -22.85 9.67
C ALA A 286 -11.69 -22.61 8.75
N ILE A 287 -11.89 -21.36 8.33
CA ILE A 287 -12.97 -21.05 7.39
C ILE A 287 -12.56 -21.44 5.97
N ARG A 288 -13.53 -21.59 5.09
CA ARG A 288 -13.25 -21.82 3.68
C ARG A 288 -12.76 -20.51 3.08
N ILE A 289 -11.66 -20.59 2.32
CA ILE A 289 -11.07 -19.41 1.70
C ILE A 289 -10.97 -19.57 0.18
N ARG A 290 -11.03 -18.44 -0.53
CA ARG A 290 -10.81 -18.42 -1.97
C ARG A 290 -9.40 -18.87 -2.33
N GLU A 291 -8.41 -18.26 -1.67
CA GLU A 291 -6.99 -18.48 -1.97
C GLU A 291 -6.15 -17.82 -0.88
N VAL A 292 -4.99 -18.40 -0.57
CA VAL A 292 -4.02 -17.76 0.32
C VAL A 292 -3.22 -16.72 -0.47
N VAL A 293 -3.61 -15.46 -0.33
CA VAL A 293 -2.99 -14.34 -1.04
C VAL A 293 -1.72 -13.89 -0.31
N ASP A 294 -1.83 -13.78 1.01
CA ASP A 294 -0.74 -13.25 1.83
C ASP A 294 -1.08 -13.55 3.29
N THR A 295 -0.29 -14.42 3.92
CA THR A 295 -0.55 -14.82 5.31
C THR A 295 -0.24 -13.74 6.35
N THR A 296 0.31 -12.60 5.93
CA THR A 296 0.65 -11.54 6.88
C THR A 296 -0.56 -11.11 7.72
N GLY A 297 -0.41 -11.16 9.04
CA GLY A 297 -1.46 -10.75 9.96
C GLY A 297 -2.40 -11.85 10.42
N ALA A 298 -2.22 -13.07 9.91
CA ALA A 298 -3.15 -14.18 10.25
C ALA A 298 -3.27 -14.39 11.76
N GLY A 299 -2.13 -14.57 12.44
CA GLY A 299 -2.14 -14.74 13.89
C GLY A 299 -2.64 -13.50 14.63
N ASP A 300 -2.28 -12.33 14.12
CA ASP A 300 -2.68 -11.07 14.73
C ASP A 300 -4.19 -10.94 14.78
N LEU A 301 -4.81 -11.30 13.66
CA LEU A 301 -6.27 -11.17 13.50
C LEU A 301 -7.02 -12.32 14.19
N PHE A 302 -6.40 -13.50 14.27
CA PHE A 302 -6.94 -14.54 15.15
C PHE A 302 -7.10 -14.00 16.56
N ALA A 303 -6.06 -13.34 17.08
CA ALA A 303 -6.11 -12.72 18.40
C ALA A 303 -7.18 -11.62 18.50
N SER A 304 -7.33 -10.81 17.46
CA SER A 304 -8.43 -9.85 17.40
C SER A 304 -9.78 -10.52 17.61
N GLY A 305 -10.07 -11.54 16.79
CA GLY A 305 -11.37 -12.22 16.87
C GLY A 305 -11.57 -12.87 18.23
N PHE A 306 -10.53 -13.56 18.70
CA PHE A 306 -10.59 -14.21 20.01
C PHE A 306 -10.84 -13.24 21.16
N LEU A 307 -10.06 -12.16 21.21
CA LEU A 307 -10.14 -11.23 22.33
C LEU A 307 -11.40 -10.38 22.29
N TYR A 308 -11.91 -10.13 21.08
CA TYR A 308 -13.20 -9.47 20.92
C TYR A 308 -14.26 -10.36 21.54
N GLY A 309 -14.32 -11.60 21.08
CA GLY A 309 -15.25 -12.57 21.64
C GLY A 309 -15.14 -12.63 23.15
N TYR A 310 -13.89 -12.73 23.63
CA TYR A 310 -13.62 -12.93 25.06
C TYR A 310 -14.14 -11.79 25.94
N THR A 311 -13.88 -10.56 25.49
CA THR A 311 -14.34 -9.36 26.19
C THR A 311 -15.83 -9.08 25.98
N GLN A 312 -16.48 -9.83 25.08
CA GLN A 312 -17.93 -9.76 24.90
C GLN A 312 -18.64 -10.86 25.70
N GLY A 313 -17.87 -11.62 26.47
CA GLY A 313 -18.42 -12.69 27.31
C GLY A 313 -18.81 -13.97 26.59
N ARG A 314 -18.28 -14.15 25.37
CA ARG A 314 -18.58 -15.33 24.55
C ARG A 314 -17.88 -16.58 25.06
N SER A 315 -18.40 -17.74 24.69
CA SER A 315 -17.76 -19.02 25.02
C SER A 315 -16.37 -19.11 24.39
N LEU A 316 -15.49 -19.91 24.98
CA LEU A 316 -14.14 -20.10 24.43
C LEU A 316 -14.19 -20.62 22.99
N GLU A 317 -15.14 -21.53 22.72
CA GLU A 317 -15.30 -22.04 21.37
C GLU A 317 -15.68 -20.92 20.39
N ASP A 318 -16.65 -20.09 20.77
CA ASP A 318 -17.06 -18.94 19.97
C ASP A 318 -15.95 -17.89 19.80
N CYS A 319 -15.08 -17.75 20.79
CA CYS A 319 -13.91 -16.88 20.65
C CYS A 319 -13.00 -17.45 19.57
N GLY A 320 -12.78 -18.77 19.61
CA GLY A 320 -12.03 -19.48 18.56
C GLY A 320 -12.61 -19.29 17.16
N LYS A 321 -13.93 -19.40 17.05
CA LYS A 321 -14.62 -19.21 15.78
C LYS A 321 -14.44 -17.78 15.24
N LEU A 322 -14.57 -16.79 16.13
CA LEU A 322 -14.36 -15.39 15.74
C LEU A 322 -12.93 -15.15 15.29
N GLY A 323 -11.98 -15.78 16.01
CA GLY A 323 -10.57 -15.72 15.61
C GLY A 323 -10.30 -16.33 14.24
N CYS A 324 -10.81 -17.54 14.00
CA CYS A 324 -10.67 -18.17 12.70
C CYS A 324 -11.30 -17.38 11.55
N LEU A 325 -12.45 -16.73 11.82
CA LEU A 325 -13.08 -15.84 10.84
C LEU A 325 -12.17 -14.68 10.47
N ALA A 326 -11.71 -13.92 11.47
CA ALA A 326 -10.85 -12.75 11.22
C ALA A 326 -9.55 -13.14 10.51
N ALA A 327 -8.94 -14.23 10.96
CA ALA A 327 -7.71 -14.71 10.36
C ALA A 327 -7.91 -15.12 8.90
N GLY A 328 -8.98 -15.87 8.64
CA GLY A 328 -9.32 -16.32 7.29
C GLY A 328 -9.58 -15.16 6.33
N ILE A 329 -10.17 -14.08 6.84
CA ILE A 329 -10.40 -12.89 6.02
C ILE A 329 -9.08 -12.21 5.65
N VAL A 330 -8.21 -12.00 6.65
CA VAL A 330 -6.98 -11.25 6.40
C VAL A 330 -6.02 -11.91 5.40
N ILE A 331 -5.98 -13.23 5.38
CA ILE A 331 -5.05 -13.94 4.49
C ILE A 331 -5.49 -13.92 3.02
N GLN A 332 -6.71 -13.45 2.77
CA GLN A 332 -7.24 -13.38 1.41
C GLN A 332 -7.02 -12.01 0.77
N GLN A 333 -6.21 -11.17 1.41
CA GLN A 333 -5.89 -9.84 0.89
C GLN A 333 -4.41 -9.57 1.08
N ILE A 334 -3.85 -8.64 0.31
CA ILE A 334 -2.50 -8.14 0.57
C ILE A 334 -2.58 -7.15 1.72
N GLY A 335 -1.66 -7.28 2.67
CA GLY A 335 -1.58 -6.35 3.79
C GLY A 335 -2.18 -6.87 5.09
N PRO A 336 -1.69 -6.37 6.22
CA PRO A 336 -1.92 -7.01 7.51
C PRO A 336 -3.23 -6.66 8.23
N ARG A 337 -3.95 -5.67 7.75
CA ARG A 337 -5.17 -5.22 8.42
C ARG A 337 -6.34 -5.29 7.45
N PRO A 338 -7.40 -6.04 7.83
CA PRO A 338 -8.53 -6.23 6.91
C PRO A 338 -9.12 -4.92 6.40
N THR A 340 -11.95 -4.75 4.82
CA THR A 340 -13.39 -4.92 4.80
C THR A 340 -13.90 -4.98 6.24
N SER A 341 -15.21 -4.91 6.41
CA SER A 341 -15.78 -4.91 7.76
C SER A 341 -15.83 -6.31 8.36
N LEU A 342 -15.10 -6.47 9.45
CA LEU A 342 -15.12 -7.73 10.18
C LEU A 342 -16.42 -7.95 10.93
N SER A 343 -17.02 -6.87 11.42
CA SER A 343 -18.32 -6.94 12.09
C SER A 343 -19.39 -7.45 11.13
N GLU A 344 -19.40 -6.94 9.90
CA GLU A 344 -20.34 -7.41 8.87
C GLU A 344 -20.13 -8.88 8.53
N ALA A 345 -18.87 -9.30 8.42
CA ALA A 345 -18.55 -10.69 8.12
C ALA A 345 -18.99 -11.62 9.25
N ALA A 346 -18.77 -11.18 10.49
CA ALA A 346 -19.21 -11.89 11.68
C ALA A 346 -20.73 -12.04 11.70
N LYS A 347 -21.44 -10.96 11.37
CA LYS A 347 -22.90 -10.98 11.31
C LYS A 347 -23.39 -11.98 10.27
N GLN A 348 -22.78 -11.95 9.09
CA GLN A 348 -23.12 -12.84 8.00
C GLN A 348 -22.82 -14.30 8.32
N ALA A 349 -21.71 -14.53 9.01
CA ALA A 349 -21.29 -15.88 9.39
C ALA A 349 -22.11 -16.45 10.56
N GLY A 350 -22.98 -15.63 11.13
CA GLY A 350 -23.83 -16.04 12.23
C GLY A 350 -23.12 -16.09 13.58
N LEU A 351 -21.96 -15.44 13.66
CA LEU A 351 -21.23 -15.31 14.92
C LEU A 351 -21.60 -14.03 15.64
N ILE A 352 -22.07 -13.05 14.86
CA ILE A 352 -22.69 -11.81 15.34
C ILE A 352 -21.90 -11.10 16.43
N THR B 24 18.88 3.16 -29.63
CA THR B 24 18.53 4.27 -28.76
C THR B 24 18.58 3.77 -27.32
N ARG B 25 18.80 4.67 -26.35
CA ARG B 25 18.89 4.22 -24.98
C ARG B 25 17.50 3.98 -24.37
N PHE B 26 16.51 4.77 -24.77
CA PHE B 26 15.17 4.69 -24.18
C PHE B 26 14.09 4.62 -25.23
N ASP B 27 13.07 3.83 -24.93
CA ASP B 27 11.88 3.82 -25.74
C ASP B 27 11.00 5.01 -25.35
N VAL B 28 10.77 5.17 -24.05
CA VAL B 28 9.85 6.19 -23.56
C VAL B 28 10.42 6.90 -22.34
N LEU B 29 10.53 8.21 -22.45
CA LEU B 29 10.80 9.07 -21.32
C LEU B 29 9.48 9.69 -20.95
N THR B 30 9.11 9.59 -19.68
CA THR B 30 7.95 10.31 -19.21
C THR B 30 8.32 11.41 -18.21
N VAL B 31 7.48 12.44 -18.15
CA VAL B 31 7.73 13.58 -17.27
C VAL B 31 6.42 13.94 -16.57
N GLY B 32 6.46 14.07 -15.23
CA GLY B 32 5.23 14.35 -14.50
C GLY B 32 5.48 14.76 -13.08
N ASN B 33 4.38 15.00 -12.36
CA ASN B 33 4.37 15.26 -10.94
C ASN B 33 4.64 13.97 -10.17
N ALA B 34 5.77 13.95 -9.43
CA ALA B 34 6.15 12.76 -8.67
C ALA B 34 5.34 12.72 -7.37
N ILE B 35 4.47 11.72 -7.26
CA ILE B 35 3.50 11.68 -6.18
C ILE B 35 3.47 10.30 -5.54
N VAL B 36 3.28 10.26 -4.21
CA VAL B 36 2.95 9.01 -3.48
C VAL B 36 1.45 9.05 -3.16
N ASP B 37 0.73 7.98 -3.53
CA ASP B 37 -0.70 7.91 -3.27
C ASP B 37 -0.98 7.35 -1.89
N ILE B 38 -2.02 7.91 -1.28
CA ILE B 38 -2.55 7.48 -0.01
C ILE B 38 -3.99 7.10 -0.34
N ILE B 39 -4.28 5.80 -0.27
CA ILE B 39 -5.53 5.25 -0.85
C ILE B 39 -6.44 4.67 0.22
N SER B 40 -7.71 5.05 0.17
CA SER B 40 -8.72 4.50 1.08
C SER B 40 -10.06 4.38 0.36
N ARG B 41 -10.95 3.60 0.95
CA ARG B 41 -12.29 3.47 0.41
C ARG B 41 -13.19 4.44 1.15
N CYS B 42 -14.23 4.92 0.48
CA CYS B 42 -15.25 5.73 1.17
C CYS B 42 -16.62 5.49 0.56
N ASN B 43 -17.65 5.91 1.29
CA ASN B 43 -19.01 5.92 0.73
C ASN B 43 -19.25 7.16 -0.13
N ASP B 44 -20.38 7.16 -0.84
CA ASP B 44 -20.72 8.24 -1.74
C ASP B 44 -20.91 9.56 -0.99
N GLN B 45 -21.52 9.48 0.19
CA GLN B 45 -21.78 10.69 0.99
C GLN B 45 -20.51 11.40 1.46
N PHE B 46 -19.42 10.65 1.66
CA PHE B 46 -18.15 11.26 2.08
C PHE B 46 -17.66 12.34 1.10
N LEU B 47 -17.76 12.06 -0.20
CA LEU B 47 -17.37 13.02 -1.23
C LEU B 47 -18.19 14.30 -1.18
N ILE B 48 -19.50 14.15 -0.99
CA ILE B 48 -20.40 15.29 -0.91
C ILE B 48 -20.11 16.10 0.35
N ASP B 49 -19.97 15.41 1.48
CA ASP B 49 -19.74 16.09 2.76
C ASP B 49 -18.47 16.91 2.76
N ASN B 50 -17.45 16.43 2.03
CA ASN B 50 -16.14 17.08 2.00
C ASN B 50 -15.88 17.87 0.73
N GLN B 51 -16.92 18.01 -0.09
CA GLN B 51 -16.88 18.82 -1.31
C GLN B 51 -15.71 18.42 -2.23
N ILE B 52 -15.55 17.12 -2.38
CA ILE B 52 -14.55 16.51 -3.26
C ILE B 52 -15.25 16.21 -4.59
N THR B 53 -14.73 16.76 -5.68
CA THR B 53 -15.33 16.49 -6.98
C THR B 53 -15.02 15.03 -7.37
N LYS B 54 -16.09 14.25 -7.57
CA LYS B 54 -15.95 12.83 -7.88
C LYS B 54 -15.25 12.62 -9.23
N ALA B 55 -14.36 11.64 -9.25
CA ALA B 55 -13.63 11.19 -10.45
C ALA B 55 -12.58 12.16 -10.98
N ALA B 56 -12.32 13.21 -10.20
CA ALA B 56 -11.43 14.28 -10.68
C ALA B 56 -10.18 14.39 -9.81
N ASN B 58 -8.45 16.90 -7.65
CA ASN B 58 -8.72 18.10 -6.87
C ASN B 58 -7.40 18.57 -6.24
N LEU B 59 -6.89 19.71 -6.68
CA LEU B 59 -5.72 20.31 -6.02
C LEU B 59 -6.05 20.84 -4.64
N ILE B 60 -5.15 20.60 -3.69
CA ILE B 60 -5.36 21.05 -2.31
C ILE B 60 -4.09 21.67 -1.72
N ASP B 61 -4.27 22.62 -0.80
CA ASP B 61 -3.12 23.16 -0.07
C ASP B 61 -2.77 22.33 1.17
N ALA B 62 -1.73 22.74 1.90
CA ALA B 62 -1.20 21.97 3.03
C ALA B 62 -2.27 21.81 4.12
N GLU B 63 -3.00 22.89 4.39
CA GLU B 63 -4.03 22.90 5.43
C GLU B 63 -5.17 21.95 5.09
N ARG B 64 -5.64 22.01 3.84
CA ARG B 64 -6.69 21.09 3.39
C ARG B 64 -6.22 19.64 3.39
N ALA B 65 -4.96 19.42 3.02
CA ALA B 65 -4.39 18.08 3.10
C ALA B 65 -4.48 17.52 4.52
N GLU B 66 -4.08 18.30 5.52
CA GLU B 66 -4.15 17.89 6.92
C GLU B 66 -5.60 17.59 7.31
N LEU B 67 -6.51 18.47 6.91
CA LEU B 67 -7.93 18.31 7.19
C LEU B 67 -8.50 17.03 6.59
N LEU B 68 -8.30 16.82 5.29
CA LEU B 68 -8.87 15.62 4.66
C LEU B 68 -8.29 14.33 5.23
N TYR B 69 -6.98 14.33 5.48
CA TYR B 69 -6.31 13.17 6.05
C TYR B 69 -6.94 12.83 7.41
N SER B 70 -7.29 13.86 8.20
CA SER B 70 -7.87 13.65 9.52
C SER B 70 -9.22 12.93 9.45
N ARG B 71 -9.89 13.07 8.29
CA ARG B 71 -11.18 12.44 8.07
C ARG B 71 -11.11 11.13 7.30
N GLY B 73 -10.15 7.33 6.35
CA GLY B 73 -10.00 6.05 7.04
C GLY B 73 -8.59 5.50 6.94
N PRO B 74 -8.36 4.31 7.53
CA PRO B 74 -7.09 3.61 7.36
C PRO B 74 -6.76 3.47 5.88
N ALA B 75 -5.49 3.67 5.54
CA ALA B 75 -5.08 3.78 4.13
C ALA B 75 -3.90 2.88 3.81
N LEU B 76 -3.64 2.74 2.50
CA LEU B 76 -2.43 2.10 2.00
C LEU B 76 -1.69 3.14 1.19
N GLU B 77 -0.37 3.03 1.18
CA GLU B 77 0.43 3.90 0.34
C GLU B 77 1.08 3.15 -0.81
N ALA B 78 1.13 3.82 -1.95
CA ALA B 78 1.75 3.26 -3.14
C ALA B 78 2.24 4.39 -4.01
N SER B 79 3.44 4.23 -4.56
CA SER B 79 3.95 5.21 -5.51
C SER B 79 2.96 5.46 -6.64
N GLY B 80 2.79 6.74 -6.97
CA GLY B 80 1.85 7.18 -7.99
C GLY B 80 2.47 8.14 -8.99
N GLY B 81 1.71 9.18 -9.32
CA GLY B 81 2.10 10.12 -10.36
C GLY B 81 1.71 9.53 -11.71
N SER B 82 0.85 10.22 -12.44
CA SER B 82 0.35 9.71 -13.71
CA SER B 82 0.36 9.72 -13.73
C SER B 82 1.47 9.22 -14.66
N ALA B 83 2.41 10.10 -14.99
CA ALA B 83 3.54 9.74 -15.84
C ALA B 83 4.48 8.72 -15.21
N GLY B 84 4.63 8.76 -13.89
CA GLY B 84 5.40 7.75 -13.15
C GLY B 84 4.80 6.36 -13.40
N ASN B 85 3.49 6.27 -13.25
CA ASN B 85 2.77 5.01 -13.52
C ASN B 85 2.97 4.56 -14.96
N THR B 86 2.88 5.50 -15.90
CA THR B 86 3.07 5.17 -17.32
C THR B 86 4.49 4.63 -17.57
N ALA B 87 5.52 5.27 -17.02
CA ALA B 87 6.88 4.77 -17.16
C ALA B 87 7.03 3.36 -16.57
N ALA B 88 6.46 3.14 -15.39
CA ALA B 88 6.53 1.83 -14.72
C ALA B 88 5.88 0.79 -15.62
N GLY B 89 4.76 1.15 -16.23
CA GLY B 89 4.04 0.23 -17.12
C GLY B 89 4.81 -0.19 -18.36
N VAL B 90 5.48 0.78 -18.98
CA VAL B 90 6.36 0.51 -20.12
C VAL B 90 7.50 -0.45 -19.73
N ALA B 91 8.16 -0.19 -18.61
CA ALA B 91 9.20 -1.08 -18.10
C ALA B 91 8.66 -2.50 -17.83
N ASN B 92 7.49 -2.56 -17.21
CA ASN B 92 6.84 -3.83 -16.88
C ASN B 92 6.59 -4.67 -18.15
N LEU B 93 6.10 -4.01 -19.19
CA LEU B 93 5.91 -4.64 -20.52
C LEU B 93 7.22 -5.09 -21.20
N GLY B 94 8.36 -4.53 -20.77
CA GLY B 94 9.66 -4.92 -21.33
C GLY B 94 10.35 -3.83 -22.14
N GLY B 95 9.72 -2.65 -22.21
CA GLY B 95 10.28 -1.51 -22.92
C GLY B 95 11.29 -0.81 -22.02
N LYS B 96 12.05 0.11 -22.59
CA LYS B 96 13.08 0.82 -21.83
C LYS B 96 12.55 2.18 -21.52
N ALA B 97 12.46 2.49 -20.23
CA ALA B 97 11.82 3.73 -19.82
C ALA B 97 12.70 4.60 -18.91
N ALA B 98 12.45 5.91 -18.96
CA ALA B 98 13.07 6.89 -18.07
C ALA B 98 11.97 7.83 -17.54
N TYR B 99 12.25 8.51 -16.43
CA TYR B 99 11.27 9.41 -15.83
C TYR B 99 11.95 10.65 -15.26
N PHE B 100 11.33 11.82 -15.50
CA PHE B 100 11.71 13.05 -14.79
C PHE B 100 10.56 13.45 -13.87
N GLY B 101 10.87 13.74 -12.61
CA GLY B 101 9.89 14.21 -11.65
C GLY B 101 10.60 14.50 -10.34
N ASN B 102 10.12 15.48 -9.60
CA ASN B 102 10.84 15.95 -8.43
C ASN B 102 10.17 15.58 -7.12
N VAL B 103 10.89 14.84 -6.30
CA VAL B 103 10.48 14.56 -4.93
C VAL B 103 11.33 15.37 -3.94
N ALA B 104 10.97 15.29 -2.67
CA ALA B 104 11.80 15.85 -1.60
C ALA B 104 12.76 14.81 -0.99
N ALA B 105 13.78 15.27 -0.26
CA ALA B 105 14.68 14.39 0.46
C ALA B 105 14.00 14.00 1.78
N ASP B 106 12.98 13.16 1.68
CA ASP B 106 12.23 12.68 2.84
C ASP B 106 11.83 11.23 2.60
N GLN B 107 11.13 10.64 3.56
CA GLN B 107 10.79 9.20 3.49
C GLN B 107 9.86 8.87 2.34
N LEU B 108 8.89 9.74 2.10
CA LEU B 108 8.00 9.56 0.93
C LEU B 108 8.76 9.63 -0.41
N GLY B 109 9.73 10.54 -0.49
CA GLY B 109 10.58 10.65 -1.66
C GLY B 109 11.46 9.44 -1.84
N ASP B 110 11.94 8.88 -0.72
CA ASP B 110 12.73 7.64 -0.74
C ASP B 110 11.89 6.48 -1.28
N ILE B 111 10.64 6.40 -0.83
CA ILE B 111 9.71 5.38 -1.35
C ILE B 111 9.50 5.53 -2.85
N PHE B 112 9.19 6.76 -3.28
CA PHE B 112 8.95 7.01 -4.71
C PHE B 112 10.19 6.62 -5.54
N THR B 113 11.36 7.08 -5.12
CA THR B 113 12.61 6.77 -5.80
C THR B 113 12.83 5.26 -5.90
N HIS B 114 12.56 4.54 -4.80
CA HIS B 114 12.82 3.11 -4.78
C HIS B 114 11.91 2.43 -5.77
N ASP B 115 10.63 2.78 -5.72
CA ASP B 115 9.63 2.01 -6.49
C ASP B 115 9.82 2.13 -7.99
N ILE B 116 10.12 3.34 -8.46
CA ILE B 116 10.26 3.55 -9.89
C ILE B 116 11.57 2.92 -10.40
N ARG B 117 12.64 3.06 -9.62
CA ARG B 117 13.92 2.47 -10.01
C ARG B 117 13.84 0.94 -9.96
N ALA B 118 13.08 0.42 -8.99
CA ALA B 118 12.98 -1.03 -8.79
C ALA B 118 12.27 -1.71 -9.95
N GLN B 119 11.40 -0.95 -10.63
CA GLN B 119 10.72 -1.42 -11.83
C GLN B 119 11.62 -1.41 -13.07
N GLY B 120 12.81 -0.83 -12.96
CA GLY B 120 13.78 -0.78 -14.04
C GLY B 120 13.66 0.47 -14.90
N VAL B 121 13.07 1.51 -14.32
CA VAL B 121 12.99 2.84 -14.97
C VAL B 121 14.18 3.70 -14.54
N HIS B 122 14.84 4.32 -15.54
CA HIS B 122 15.89 5.28 -15.26
C HIS B 122 15.27 6.48 -14.54
N TYR B 123 15.73 6.75 -13.31
CA TYR B 123 15.23 7.87 -12.54
C TYR B 123 16.35 8.52 -11.74
N GLN B 124 16.70 9.74 -12.17
CA GLN B 124 17.88 10.42 -11.64
C GLN B 124 17.63 11.88 -11.20
N THR B 125 16.37 12.33 -11.21
CA THR B 125 16.05 13.69 -10.76
C THR B 125 16.43 13.85 -9.28
N LYS B 126 17.25 14.85 -9.01
CA LYS B 126 17.77 15.07 -7.66
C LYS B 126 16.83 15.92 -6.79
N PRO B 127 16.52 15.45 -5.56
CA PRO B 127 15.73 16.29 -4.65
C PRO B 127 16.48 17.57 -4.32
N LYS B 128 15.74 18.65 -4.07
CA LYS B 128 16.34 19.98 -3.82
C LYS B 128 16.37 20.37 -2.34
N GLY B 129 15.73 19.55 -1.51
CA GLY B 129 15.62 19.82 -0.09
C GLY B 129 14.49 19.00 0.51
N ALA B 130 14.19 19.25 1.77
CA ALA B 130 13.14 18.53 2.51
C ALA B 130 11.79 19.24 2.50
N PHE B 131 11.79 20.53 2.14
CA PHE B 131 10.57 21.33 2.05
C PHE B 131 10.58 22.14 0.75
N PRO B 132 9.45 22.15 0.02
CA PRO B 132 8.20 21.45 0.35
C PRO B 132 8.40 19.93 0.33
N PRO B 133 7.60 19.19 1.10
CA PRO B 133 7.79 17.74 1.17
C PRO B 133 7.26 17.08 -0.10
N THR B 134 7.57 15.80 -0.24
CA THR B 134 7.14 15.02 -1.41
C THR B 134 5.62 15.07 -1.60
N ALA B 135 5.19 15.27 -2.85
CA ALA B 135 3.76 15.37 -3.17
C ALA B 135 3.07 14.08 -2.77
N ARG B 136 1.84 14.23 -2.31
CA ARG B 136 0.99 13.09 -2.02
C ARG B 136 -0.45 13.34 -2.48
N SER B 137 -1.14 12.27 -2.84
CA SER B 137 -2.51 12.38 -3.30
C SER B 137 -3.35 11.43 -2.48
N ILE B 139 -6.43 9.52 -2.33
CA ILE B 139 -7.30 8.96 -3.33
C ILE B 139 -8.38 8.16 -2.63
N PHE B 140 -9.63 8.57 -2.86
CA PHE B 140 -10.80 7.93 -2.27
C PHE B 140 -11.48 7.13 -3.35
N VAL B 141 -11.60 5.82 -3.09
CA VAL B 141 -12.22 4.90 -4.02
C VAL B 141 -13.61 4.56 -3.52
N THR B 142 -14.63 4.87 -4.35
CA THR B 142 -16.01 4.62 -3.99
C THR B 142 -16.39 3.19 -4.41
N GLU B 143 -17.59 2.74 -4.00
CA GLU B 143 -18.04 1.35 -4.22
C GLU B 143 -18.08 0.94 -5.69
N ASP B 144 -18.32 1.92 -6.57
CA ASP B 144 -18.34 1.68 -8.01
C ASP B 144 -16.94 1.56 -8.63
N GLY B 145 -15.91 1.76 -7.82
CA GLY B 145 -14.54 1.64 -8.26
C GLY B 145 -13.97 2.92 -8.82
N GLU B 146 -14.78 3.99 -8.84
CA GLU B 146 -14.27 5.30 -9.23
C GLU B 146 -13.30 5.83 -8.20
N ARG B 147 -12.35 6.60 -8.70
CA ARG B 147 -11.33 7.22 -7.82
CA ARG B 147 -11.33 7.21 -7.82
C ARG B 147 -11.35 8.78 -7.87
N SER B 148 -11.29 9.40 -6.68
CA SER B 148 -11.37 10.85 -6.57
C SER B 148 -10.13 11.27 -5.81
N ASN B 150 -7.06 13.84 -4.35
CA ASN B 150 -6.89 15.12 -3.66
C ASN B 150 -5.40 15.33 -3.43
N THR B 151 -4.81 16.21 -4.25
CA THR B 151 -3.37 16.22 -4.43
C THR B 151 -2.75 17.49 -3.88
N TYR B 152 -1.81 17.30 -2.97
CA TYR B 152 -0.94 18.37 -2.48
C TYR B 152 0.38 18.24 -3.25
N LEU B 153 0.66 19.21 -4.11
CA LEU B 153 1.81 19.13 -5.02
C LEU B 153 3.19 19.16 -4.36
N GLY B 154 3.31 19.79 -3.19
CA GLY B 154 4.58 19.78 -2.47
C GLY B 154 5.77 20.05 -3.37
N ALA B 155 6.75 19.16 -3.31
CA ALA B 155 8.02 19.33 -4.05
C ALA B 155 7.88 19.38 -5.58
N CYS B 156 6.73 18.97 -6.11
CA CYS B 156 6.50 19.04 -7.55
C CYS B 156 6.61 20.47 -8.08
N VAL B 157 6.33 21.45 -7.22
CA VAL B 157 6.39 22.85 -7.64
C VAL B 157 7.80 23.27 -8.04
N GLU B 158 8.80 22.45 -7.69
CA GLU B 158 10.21 22.79 -7.91
C GLU B 158 10.77 22.25 -9.21
N LEU B 159 10.02 21.41 -9.92
CA LEU B 159 10.48 20.86 -11.17
C LEU B 159 10.62 21.98 -12.19
N GLY B 160 11.78 22.04 -12.84
CA GLY B 160 12.00 23.03 -13.88
C GLY B 160 13.06 22.62 -14.89
N PRO B 161 13.46 23.57 -15.76
CA PRO B 161 14.46 23.27 -16.81
C PRO B 161 15.74 22.60 -16.32
N GLU B 162 16.16 22.90 -15.09
CA GLU B 162 17.38 22.32 -14.50
C GLU B 162 17.31 20.79 -14.34
N ASP B 163 16.10 20.25 -14.44
CA ASP B 163 15.84 18.81 -14.27
C ASP B 163 15.75 18.06 -15.60
N VAL B 164 15.93 18.78 -16.71
CA VAL B 164 15.98 18.14 -18.01
C VAL B 164 17.37 17.53 -18.22
N GLU B 165 17.42 16.20 -18.28
CA GLU B 165 18.61 15.45 -18.65
C GLU B 165 18.60 15.41 -20.16
N ALA B 166 19.30 16.35 -20.79
CA ALA B 166 19.21 16.53 -22.23
C ALA B 166 19.59 15.29 -23.03
N ASP B 167 20.59 14.54 -22.56
CA ASP B 167 21.02 13.30 -23.22
CA ASP B 167 21.00 13.32 -23.25
C ASP B 167 19.90 12.26 -23.21
N VAL B 168 19.12 12.25 -22.14
CA VAL B 168 18.01 11.29 -22.04
C VAL B 168 16.91 11.61 -23.05
N VAL B 169 16.51 12.88 -23.13
CA VAL B 169 15.52 13.31 -24.12
C VAL B 169 16.02 13.00 -25.53
N ALA B 170 17.27 13.39 -25.82
CA ALA B 170 17.88 13.12 -27.12
C ALA B 170 17.85 11.63 -27.52
N ASP B 171 17.95 10.75 -26.52
CA ASP B 171 18.09 9.30 -26.73
C ASP B 171 16.80 8.51 -26.44
N ALA B 172 15.66 9.19 -26.40
CA ALA B 172 14.36 8.53 -26.14
C ALA B 172 13.48 8.61 -27.38
N LYS B 173 12.93 7.47 -27.83
CA LYS B 173 12.09 7.46 -29.01
C LYS B 173 10.88 8.38 -28.83
N VAL B 174 10.23 8.31 -27.67
CA VAL B 174 9.11 9.21 -27.36
C VAL B 174 9.35 9.85 -25.99
N THR B 175 9.09 11.16 -25.88
CA THR B 175 8.98 11.85 -24.60
C THR B 175 7.52 12.22 -24.39
N TYR B 176 6.96 11.70 -23.29
CA TYR B 176 5.56 11.85 -22.94
C TYR B 176 5.44 12.62 -21.64
N PHE B 177 4.47 13.53 -21.59
CA PHE B 177 4.28 14.35 -20.40
C PHE B 177 2.81 14.60 -20.04
N GLU B 178 2.57 14.94 -18.77
CA GLU B 178 1.23 15.24 -18.28
C GLU B 178 0.76 16.67 -18.52
N GLY B 179 -0.48 16.79 -18.98
CA GLY B 179 -1.23 18.03 -18.85
C GLY B 179 -1.18 18.60 -17.44
N TYR B 180 -1.14 17.72 -16.43
CA TYR B 180 -1.06 18.08 -15.02
C TYR B 180 0.14 18.99 -14.73
N LEU B 181 1.15 18.95 -15.60
CA LEU B 181 2.37 19.76 -15.39
C LEU B 181 2.12 21.25 -15.57
N TRP B 182 0.95 21.62 -16.07
CA TRP B 182 0.63 23.03 -16.25
C TRP B 182 0.20 23.72 -14.94
N ASP B 183 -0.07 22.94 -13.90
CA ASP B 183 -0.40 23.51 -12.60
C ASP B 183 0.81 24.06 -11.84
N PRO B 184 1.89 23.27 -11.65
CA PRO B 184 3.08 23.85 -11.01
C PRO B 184 3.69 24.93 -11.90
N PRO B 185 4.45 25.86 -11.32
CA PRO B 185 4.79 27.07 -12.07
C PRO B 185 5.78 26.92 -13.22
N ARG B 186 6.81 26.10 -13.04
CA ARG B 186 7.94 26.12 -13.97
C ARG B 186 8.09 24.86 -14.79
N ALA B 187 7.27 23.85 -14.51
CA ALA B 187 7.39 22.60 -15.24
C ALA B 187 7.23 22.77 -16.75
N LYS B 188 6.35 23.67 -17.17
CA LYS B 188 6.11 23.91 -18.60
C LYS B 188 7.40 24.33 -19.34
N GLU B 189 8.26 25.08 -18.65
CA GLU B 189 9.55 25.45 -19.23
C GLU B 189 10.42 24.22 -19.50
N ALA B 190 10.42 23.26 -18.57
CA ALA B 190 11.13 22.01 -18.79
C ALA B 190 10.55 21.28 -20.00
N ILE B 191 9.22 21.30 -20.14
CA ILE B 191 8.56 20.60 -21.25
C ILE B 191 8.90 21.22 -22.60
N LEU B 192 8.91 22.55 -22.65
CA LEU B 192 9.30 23.23 -23.89
C LEU B 192 10.75 22.92 -24.28
N ASP B 193 11.64 22.82 -23.28
CA ASP B 193 13.01 22.38 -23.53
C ASP B 193 13.06 20.93 -24.07
N CYS B 194 12.28 20.02 -23.46
CA CYS B 194 12.17 18.65 -23.95
C CYS B 194 11.71 18.59 -25.39
N ALA B 195 10.68 19.37 -25.73
CA ALA B 195 10.12 19.40 -27.09
C ALA B 195 11.18 19.80 -28.09
N ARG B 196 11.95 20.84 -27.76
CA ARG B 196 13.01 21.31 -28.64
CA ARG B 196 13.03 21.31 -28.64
C ARG B 196 14.05 20.21 -28.89
N ILE B 197 14.57 19.62 -27.81
CA ILE B 197 15.60 18.57 -27.91
C ILE B 197 15.08 17.34 -28.65
N ALA B 198 13.90 16.86 -28.25
CA ALA B 198 13.31 15.70 -28.91
C ALA B 198 13.20 15.88 -30.41
N HIS B 199 12.60 16.99 -30.81
CA HIS B 199 12.40 17.25 -32.22
C HIS B 199 13.70 17.50 -32.99
N GLN B 200 14.68 18.13 -32.35
CA GLN B 200 15.99 18.30 -32.98
C GLN B 200 16.67 16.95 -33.26
N HIS B 201 16.33 15.95 -32.45
CA HIS B 201 16.91 14.62 -32.58
C HIS B 201 15.98 13.66 -33.31
N GLY B 202 14.93 14.19 -33.93
CA GLY B 202 13.98 13.41 -34.73
C GLY B 202 13.10 12.47 -33.93
N ARG B 203 12.91 12.80 -32.66
CA ARG B 203 12.09 11.98 -31.76
C ARG B 203 10.66 12.53 -31.80
N GLU B 204 9.76 11.87 -31.06
CA GLU B 204 8.39 12.33 -31.00
C GLU B 204 7.98 12.72 -29.59
N SER B 206 4.78 13.44 -26.85
CA SER B 206 3.43 13.03 -26.57
C SER B 206 2.92 13.65 -25.27
N THR B 208 -0.61 13.63 -22.41
CA THR B 208 -1.97 13.31 -21.99
C THR B 208 -2.70 14.55 -21.49
N LEU B 209 -3.98 14.65 -21.82
CA LEU B 209 -4.84 15.74 -21.33
C LEU B 209 -5.11 15.67 -19.80
N SER B 210 -4.83 14.51 -19.22
CA SER B 210 -4.80 14.26 -17.77
C SER B 210 -6.14 14.24 -17.03
N ASP B 211 -6.94 15.30 -17.18
CA ASP B 211 -8.13 15.47 -16.35
C ASP B 211 -8.99 16.56 -16.97
N SER B 212 -10.31 16.41 -16.92
CA SER B 212 -11.20 17.33 -17.65
C SER B 212 -11.18 18.75 -17.08
N PHE B 213 -10.94 18.90 -15.78
CA PHE B 213 -10.79 20.22 -15.15
C PHE B 213 -9.43 20.81 -15.44
N CYS B 214 -8.42 19.96 -15.51
CA CYS B 214 -7.10 20.39 -15.98
C CYS B 214 -7.20 20.98 -17.39
N VAL B 215 -7.90 20.27 -18.29
CA VAL B 215 -8.15 20.76 -19.63
C VAL B 215 -8.86 22.12 -19.58
N ASP B 216 -9.85 22.25 -18.71
CA ASP B 216 -10.57 23.50 -18.57
C ASP B 216 -9.64 24.66 -18.14
N ARG B 217 -8.67 24.35 -17.27
CA ARG B 217 -7.71 25.38 -16.81
C ARG B 217 -6.77 25.82 -17.93
N TYR B 218 -6.43 24.91 -18.83
CA TYR B 218 -5.33 25.13 -19.79
C TYR B 218 -5.72 24.84 -21.24
N ARG B 219 -7.01 25.03 -21.53
CA ARG B 219 -7.58 24.69 -22.83
C ARG B 219 -6.80 25.28 -24.02
N GLY B 220 -6.60 26.59 -24.01
CA GLY B 220 -5.90 27.26 -25.10
C GLY B 220 -4.45 26.84 -25.20
N GLU B 221 -3.80 26.64 -24.05
CA GLU B 221 -2.40 26.23 -24.05
C GLU B 221 -2.22 24.83 -24.62
N PHE B 222 -3.13 23.92 -24.24
CA PHE B 222 -3.10 22.56 -24.76
C PHE B 222 -3.33 22.49 -26.28
N LEU B 223 -4.34 23.23 -26.76
CA LEU B 223 -4.59 23.35 -28.20
C LEU B 223 -3.35 23.87 -28.93
N ASP B 224 -2.67 24.86 -28.33
CA ASP B 224 -1.48 25.45 -28.95
C ASP B 224 -0.32 24.44 -29.04
N LEU B 225 -0.14 23.64 -27.99
CA LEU B 225 0.85 22.57 -28.00
C LEU B 225 0.67 21.64 -29.19
N ARG B 227 -1.41 22.19 -32.06
CA ARG B 227 -1.38 22.93 -33.34
C ARG B 227 0.00 23.44 -33.80
N SER B 228 0.83 23.83 -32.85
CA SER B 228 2.20 24.27 -33.15
C SER B 228 3.14 23.10 -33.43
N GLY B 229 2.65 21.88 -33.18
CA GLY B 229 3.43 20.67 -33.41
C GLY B 229 4.42 20.34 -32.31
N LYS B 230 4.29 20.98 -31.14
CA LYS B 230 5.16 20.63 -30.02
C LYS B 230 4.81 19.23 -29.51
N VAL B 231 3.55 18.84 -29.69
CA VAL B 231 3.05 17.51 -29.35
CA VAL B 231 3.13 17.48 -29.37
C VAL B 231 2.60 16.77 -30.62
N ASP B 232 3.13 15.57 -30.82
CA ASP B 232 2.82 14.71 -31.97
C ASP B 232 1.71 13.70 -31.70
N ILE B 233 1.65 13.18 -30.47
CA ILE B 233 0.69 12.14 -30.07
C ILE B 233 -0.03 12.55 -28.79
N VAL B 234 -1.37 12.64 -28.85
CA VAL B 234 -2.17 13.06 -27.70
CA VAL B 234 -2.14 13.05 -27.69
C VAL B 234 -3.04 11.93 -27.18
N PHE B 235 -3.07 11.78 -25.86
CA PHE B 235 -3.96 10.86 -25.15
C PHE B 235 -5.07 11.66 -24.50
N ALA B 236 -6.30 11.18 -24.67
CA ALA B 236 -7.47 11.76 -24.03
C ALA B 236 -8.45 10.66 -23.68
N ASN B 237 -9.27 10.89 -22.66
CA ASN B 237 -10.49 10.12 -22.50
C ASN B 237 -11.69 10.94 -23.01
N ARG B 238 -12.87 10.34 -22.99
CA ARG B 238 -14.07 11.00 -23.47
C ARG B 238 -14.31 12.34 -22.78
N GLN B 239 -14.17 12.35 -21.46
CA GLN B 239 -14.45 13.53 -20.63
C GLN B 239 -13.48 14.67 -20.99
N GLU B 240 -12.21 14.33 -21.17
CA GLU B 240 -11.18 15.31 -21.54
C GLU B 240 -11.40 15.87 -22.95
N ALA B 241 -11.79 15.01 -23.88
CA ALA B 241 -12.02 15.42 -25.27
C ALA B 241 -13.22 16.35 -25.36
N LEU B 242 -14.28 16.02 -24.62
CA LEU B 242 -15.47 16.88 -24.56
C LEU B 242 -15.16 18.23 -23.91
N SER B 243 -14.32 18.20 -22.88
N SER B 243 -14.31 18.20 -22.88
CA SER B 243 -13.89 19.43 -22.22
CA SER B 243 -13.87 19.41 -22.21
C SER B 243 -13.04 20.28 -23.18
C SER B 243 -12.98 20.28 -23.11
N LEU B 244 -12.10 19.63 -23.88
CA LEU B 244 -11.19 20.35 -24.80
C LEU B 244 -11.92 21.23 -25.82
N TYR B 245 -12.99 20.69 -26.42
CA TYR B 245 -13.75 21.41 -27.43
C TYR B 245 -15.09 21.96 -26.92
N GLN B 246 -15.33 21.85 -25.60
CA GLN B 246 -16.49 22.45 -24.92
C GLN B 246 -17.79 22.05 -25.58
N THR B 247 -17.93 20.75 -25.77
CA THR B 247 -19.01 20.20 -26.57
C THR B 247 -19.58 18.98 -25.83
N ASP B 248 -20.84 18.67 -26.13
CA ASP B 248 -21.41 17.39 -25.72
C ASP B 248 -21.42 16.40 -26.89
N ASP B 249 -20.93 16.84 -28.05
CA ASP B 249 -20.88 15.99 -29.24
C ASP B 249 -19.54 15.28 -29.34
N PHE B 250 -19.51 14.01 -28.92
CA PHE B 250 -18.29 13.20 -28.99
C PHE B 250 -17.74 13.04 -30.41
N GLU B 251 -18.62 12.91 -31.40
CA GLU B 251 -18.17 12.82 -32.79
C GLU B 251 -17.46 14.08 -33.25
N GLU B 252 -17.96 15.25 -32.85
CA GLU B 252 -17.27 16.52 -33.16
C GLU B 252 -15.90 16.52 -32.50
N ALA B 253 -15.86 16.13 -31.22
CA ALA B 253 -14.61 16.06 -30.45
C ALA B 253 -13.57 15.17 -31.15
N LEU B 254 -13.99 13.99 -31.63
CA LEU B 254 -13.09 13.11 -32.39
C LEU B 254 -12.54 13.74 -33.68
N ASN B 255 -13.42 14.36 -34.46
CA ASN B 255 -13.03 15.03 -35.70
C ASN B 255 -12.06 16.19 -35.42
N ARG B 256 -12.34 16.95 -34.37
CA ARG B 256 -11.51 18.11 -34.05
C ARG B 256 -10.13 17.70 -33.54
N ILE B 257 -10.09 16.70 -32.65
CA ILE B 257 -8.82 16.22 -32.11
C ILE B 257 -7.94 15.61 -33.22
N ALA B 258 -8.56 14.91 -34.18
CA ALA B 258 -7.82 14.36 -35.31
C ALA B 258 -7.20 15.47 -36.18
N ALA B 259 -7.89 16.61 -36.25
CA ALA B 259 -7.43 17.75 -37.03
C ALA B 259 -6.30 18.51 -36.31
N ASP B 260 -6.26 18.37 -34.99
CA ASP B 260 -5.34 19.17 -34.15
C ASP B 260 -3.99 18.51 -33.82
N CYS B 261 -3.90 17.19 -34.00
CA CYS B 261 -2.66 16.49 -33.70
CA CYS B 261 -2.71 16.43 -33.62
C CYS B 261 -2.47 15.31 -34.65
N LYS B 262 -1.20 14.92 -34.84
CA LYS B 262 -0.86 13.88 -35.83
C LYS B 262 -1.50 12.53 -35.49
N ILE B 263 -1.37 12.12 -34.23
CA ILE B 263 -2.03 10.91 -33.74
C ILE B 263 -2.75 11.23 -32.44
N ALA B 264 -3.99 10.78 -32.33
CA ALA B 264 -4.76 10.88 -31.08
C ALA B 264 -5.25 9.52 -30.63
N ALA B 265 -5.06 9.25 -29.34
CA ALA B 265 -5.56 8.01 -28.77
C ALA B 265 -6.60 8.37 -27.73
N VAL B 266 -7.85 8.02 -28.01
CA VAL B 266 -8.98 8.43 -27.19
C VAL B 266 -9.67 7.24 -26.53
N THR B 267 -9.65 7.23 -25.20
CA THR B 267 -10.19 6.11 -24.44
C THR B 267 -11.63 6.38 -24.06
N SER B 269 -13.42 4.28 -21.59
CA SER B 269 -13.69 3.38 -20.46
C SER B 269 -14.09 1.98 -20.95
N GLU B 270 -15.27 1.51 -20.53
CA GLU B 270 -15.74 0.17 -20.91
C GLU B 270 -15.99 0.01 -22.42
N ASN B 271 -16.15 1.12 -23.12
CA ASN B 271 -16.35 1.11 -24.56
C ASN B 271 -15.05 0.99 -25.37
N GLY B 272 -13.92 0.84 -24.68
CA GLY B 272 -12.64 0.61 -25.33
C GLY B 272 -11.91 1.89 -25.67
N ALA B 273 -11.41 1.96 -26.90
CA ALA B 273 -10.63 3.12 -27.35
C ALA B 273 -10.70 3.30 -28.87
N VAL B 274 -10.32 4.49 -29.33
CA VAL B 274 -10.22 4.76 -30.75
C VAL B 274 -8.92 5.50 -31.03
N ILE B 275 -8.17 5.03 -32.02
CA ILE B 275 -6.92 5.68 -32.42
C ILE B 275 -7.16 6.42 -33.73
N LEU B 276 -6.75 7.68 -33.76
CA LEU B 276 -6.98 8.54 -34.91
C LEU B 276 -5.66 9.01 -35.51
N LYS B 277 -5.56 8.92 -36.83
CA LYS B 277 -4.43 9.49 -37.57
C LYS B 277 -4.94 10.01 -38.90
N GLY B 278 -5.00 11.33 -39.02
CA GLY B 278 -5.59 11.96 -40.20
C GLY B 278 -7.04 11.54 -40.35
N ARG B 279 -7.33 10.80 -41.41
CA ARG B 279 -8.69 10.30 -41.67
C ARG B 279 -8.86 8.88 -41.16
N GLU B 280 -7.75 8.24 -40.79
CA GLU B 280 -7.74 6.88 -40.28
C GLU B 280 -8.34 6.82 -38.86
N ARG B 281 -9.19 5.82 -38.63
CA ARG B 281 -9.71 5.52 -37.29
C ARG B 281 -9.58 4.03 -37.00
N TYR B 282 -9.03 3.71 -35.83
CA TYR B 282 -8.88 2.32 -35.40
C TYR B 282 -9.52 2.10 -34.04
N TYR B 283 -10.64 1.40 -34.03
CA TYR B 283 -11.36 1.09 -32.81
C TYR B 283 -10.84 -0.18 -32.18
N VAL B 284 -10.76 -0.17 -30.85
CA VAL B 284 -10.31 -1.31 -30.08
C VAL B 284 -11.29 -1.56 -28.94
N ASN B 285 -11.59 -2.82 -28.70
CA ASN B 285 -12.47 -3.19 -27.60
C ASN B 285 -11.76 -3.21 -26.24
N ALA B 286 -12.49 -2.83 -25.20
CA ALA B 286 -11.99 -2.96 -23.84
C ALA B 286 -12.06 -4.43 -23.42
N ILE B 287 -11.24 -4.80 -22.44
CA ILE B 287 -11.29 -6.14 -21.87
C ILE B 287 -12.58 -6.26 -21.06
N ARG B 288 -13.27 -7.39 -21.17
CA ARG B 288 -14.42 -7.64 -20.31
C ARG B 288 -13.96 -7.87 -18.87
N ILE B 289 -14.44 -7.02 -17.97
CA ILE B 289 -13.98 -7.00 -16.59
C ILE B 289 -14.96 -7.75 -15.69
N ARG B 290 -14.41 -8.62 -14.84
CA ARG B 290 -15.19 -9.35 -13.84
C ARG B 290 -15.82 -8.36 -12.85
N GLU B 291 -14.97 -7.52 -12.26
CA GLU B 291 -15.41 -6.48 -11.32
C GLU B 291 -14.39 -5.34 -11.30
N VAL B 292 -14.89 -4.11 -11.40
CA VAL B 292 -14.02 -2.92 -11.35
C VAL B 292 -13.67 -2.61 -9.90
N VAL B 293 -12.42 -2.89 -9.54
CA VAL B 293 -11.93 -2.75 -8.17
C VAL B 293 -11.58 -1.30 -7.83
N ASP B 294 -10.79 -0.68 -8.73
CA ASP B 294 -10.24 0.66 -8.50
C ASP B 294 -9.73 1.17 -9.85
N THR B 295 -10.37 2.20 -10.40
CA THR B 295 -10.00 2.75 -11.71
C THR B 295 -8.67 3.51 -11.73
N THR B 296 -8.07 3.76 -10.56
CA THR B 296 -6.81 4.52 -10.50
C THR B 296 -5.76 3.93 -11.43
N GLY B 297 -5.23 4.77 -12.33
CA GLY B 297 -4.15 4.34 -13.20
C GLY B 297 -4.58 3.81 -14.56
N ALA B 298 -5.89 3.75 -14.80
CA ALA B 298 -6.40 3.18 -16.06
C ALA B 298 -5.81 3.89 -17.29
N GLY B 299 -5.99 5.21 -17.33
CA GLY B 299 -5.48 6.03 -18.44
C GLY B 299 -3.96 5.95 -18.52
N ASP B 300 -3.29 5.97 -17.36
CA ASP B 300 -1.83 5.90 -17.33
C ASP B 300 -1.28 4.66 -18.00
N LEU B 301 -1.91 3.52 -17.66
CA LEU B 301 -1.52 2.23 -18.18
C LEU B 301 -1.97 1.99 -19.63
N PHE B 302 -3.10 2.57 -20.05
CA PHE B 302 -3.41 2.61 -21.47
C PHE B 302 -2.25 3.25 -22.24
N ALA B 303 -1.75 4.37 -21.71
CA ALA B 303 -0.62 5.00 -22.36
C ALA B 303 0.64 4.12 -22.35
N SER B 304 0.88 3.39 -21.24
CA SER B 304 2.00 2.44 -21.19
C SER B 304 1.92 1.45 -22.35
N GLY B 305 0.76 0.84 -22.50
CA GLY B 305 0.58 -0.21 -23.51
C GLY B 305 0.74 0.35 -24.90
N PHE B 306 0.06 1.48 -25.13
CA PHE B 306 0.12 2.15 -26.42
C PHE B 306 1.55 2.50 -26.81
N LEU B 307 2.26 3.17 -25.89
CA LEU B 307 3.59 3.66 -26.20
C LEU B 307 4.62 2.55 -26.29
N TYR B 308 4.43 1.49 -25.52
CA TYR B 308 5.29 0.29 -25.66
C TYR B 308 5.11 -0.27 -27.08
N GLY B 309 3.86 -0.47 -27.49
CA GLY B 309 3.59 -0.95 -28.86
C GLY B 309 4.14 -0.01 -29.91
N TYR B 310 3.95 1.29 -29.71
CA TYR B 310 4.37 2.30 -30.72
C TYR B 310 5.88 2.28 -30.96
N THR B 311 6.62 2.19 -29.86
CA THR B 311 8.08 2.19 -29.92
C THR B 311 8.68 0.83 -30.30
N GLN B 312 7.83 -0.19 -30.40
CA GLN B 312 8.23 -1.49 -30.96
C GLN B 312 7.82 -1.60 -32.43
N GLY B 313 7.28 -0.52 -33.00
CA GLY B 313 6.87 -0.50 -34.41
C GLY B 313 5.59 -1.25 -34.72
N ARG B 314 4.69 -1.36 -33.74
CA ARG B 314 3.45 -2.09 -33.94
C ARG B 314 2.42 -1.21 -34.63
N SER B 315 1.42 -1.83 -35.26
CA SER B 315 0.32 -1.09 -35.88
C SER B 315 -0.44 -0.27 -34.84
N LEU B 316 -1.05 0.84 -35.26
CA LEU B 316 -1.85 1.65 -34.34
C LEU B 316 -2.93 0.85 -33.62
N GLU B 317 -3.59 -0.07 -34.34
CA GLU B 317 -4.57 -0.93 -33.69
C GLU B 317 -3.95 -1.80 -32.60
N ASP B 318 -2.78 -2.38 -32.86
CA ASP B 318 -2.14 -3.23 -31.88
C ASP B 318 -1.62 -2.44 -30.67
N CYS B 319 -1.23 -1.19 -30.92
CA CYS B 319 -0.88 -0.28 -29.82
C CYS B 319 -2.10 -0.05 -28.93
N GLY B 320 -3.26 0.21 -29.55
CA GLY B 320 -4.50 0.32 -28.82
C GLY B 320 -4.84 -0.95 -28.07
N LYS B 321 -4.65 -2.11 -28.70
CA LYS B 321 -4.90 -3.36 -27.98
C LYS B 321 -4.02 -3.53 -26.73
N LEU B 322 -2.74 -3.25 -26.88
CA LEU B 322 -1.82 -3.33 -25.75
C LEU B 322 -2.23 -2.35 -24.63
N GLY B 323 -2.63 -1.14 -25.01
CA GLY B 323 -3.13 -0.15 -24.05
C GLY B 323 -4.35 -0.64 -23.30
N CYS B 324 -5.32 -1.20 -24.02
CA CYS B 324 -6.51 -1.73 -23.35
C CYS B 324 -6.22 -2.91 -22.42
N LEU B 325 -5.26 -3.74 -22.80
CA LEU B 325 -4.88 -4.89 -22.00
C LEU B 325 -4.31 -4.39 -20.65
N ALA B 326 -3.36 -3.46 -20.73
CA ALA B 326 -2.74 -2.93 -19.54
C ALA B 326 -3.72 -2.18 -18.60
N ALA B 327 -4.59 -1.39 -19.21
CA ALA B 327 -5.59 -0.65 -18.45
C ALA B 327 -6.56 -1.60 -17.75
N GLY B 328 -7.02 -2.62 -18.49
CA GLY B 328 -7.93 -3.61 -17.92
C GLY B 328 -7.33 -4.37 -16.74
N ILE B 329 -6.03 -4.64 -16.79
CA ILE B 329 -5.34 -5.28 -15.68
C ILE B 329 -5.25 -4.36 -14.45
N VAL B 330 -4.87 -3.10 -14.65
CA VAL B 330 -4.67 -2.22 -13.50
C VAL B 330 -5.96 -1.90 -12.73
N ILE B 331 -7.10 -1.92 -13.42
CA ILE B 331 -8.38 -1.58 -12.75
C ILE B 331 -8.96 -2.73 -11.93
N GLN B 332 -8.36 -3.91 -12.07
CA GLN B 332 -8.76 -5.08 -11.29
C GLN B 332 -7.94 -5.28 -10.01
N GLN B 333 -7.13 -4.28 -9.67
CA GLN B 333 -6.34 -4.27 -8.43
C GLN B 333 -6.43 -2.93 -7.75
N ILE B 334 -6.11 -2.91 -6.45
CA ILE B 334 -5.96 -1.66 -5.71
C ILE B 334 -4.58 -1.08 -6.01
N GLY B 335 -4.53 0.21 -6.31
CA GLY B 335 -3.27 0.89 -6.55
C GLY B 335 -2.94 1.06 -8.01
N PRO B 336 -2.09 2.04 -8.34
CA PRO B 336 -1.96 2.52 -9.70
C PRO B 336 -0.97 1.80 -10.62
N ARG B 337 -0.14 0.92 -10.07
CA ARG B 337 0.88 0.25 -10.87
C ARG B 337 0.69 -1.25 -10.78
N PRO B 338 0.51 -1.92 -11.95
CA PRO B 338 0.21 -3.36 -11.93
C PRO B 338 1.24 -4.15 -11.14
N THR B 340 1.30 -7.42 -11.22
CA THR B 340 1.55 -8.62 -12.04
C THR B 340 2.35 -8.29 -13.30
N SER B 341 2.78 -9.32 -14.01
CA SER B 341 3.59 -9.12 -15.20
C SER B 341 2.74 -8.78 -16.41
N LEU B 342 2.90 -7.55 -16.91
CA LEU B 342 2.25 -7.12 -18.14
C LEU B 342 2.78 -7.85 -19.37
N SER B 343 4.09 -8.12 -19.40
CA SER B 343 4.70 -8.84 -20.51
C SER B 343 4.12 -10.26 -20.62
N GLU B 344 3.99 -10.95 -19.48
CA GLU B 344 3.34 -12.28 -19.49
C GLU B 344 1.90 -12.22 -19.97
N ALA B 345 1.15 -11.22 -19.51
CA ALA B 345 -0.23 -11.05 -19.94
C ALA B 345 -0.30 -10.80 -21.44
N ALA B 346 0.59 -9.93 -21.96
CA ALA B 346 0.62 -9.63 -23.39
C ALA B 346 0.94 -10.87 -24.23
N LYS B 347 1.86 -11.71 -23.73
CA LYS B 347 2.22 -12.96 -24.38
C LYS B 347 1.02 -13.91 -24.44
N GLN B 348 0.31 -14.06 -23.32
CA GLN B 348 -0.88 -14.90 -23.27
C GLN B 348 -1.94 -14.41 -24.26
N ALA B 349 -2.00 -13.08 -24.43
CA ALA B 349 -2.97 -12.41 -25.31
C ALA B 349 -2.57 -12.41 -26.80
N GLY B 350 -1.41 -13.02 -27.09
CA GLY B 350 -0.88 -13.04 -28.46
C GLY B 350 -0.47 -11.68 -28.99
N LEU B 351 -0.25 -10.73 -28.08
CA LEU B 351 0.20 -9.40 -28.46
C LEU B 351 1.72 -9.35 -28.37
N ILE B 352 2.26 -10.23 -27.53
CA ILE B 352 3.70 -10.51 -27.38
C ILE B 352 4.53 -9.25 -27.12
#